data_2W2I
#
_entry.id   2W2I
#
_cell.length_a   90.904
_cell.length_b   111.009
_cell.length_c   224.199
_cell.angle_alpha   90.00
_cell.angle_beta   90.00
_cell.angle_gamma   90.00
#
_symmetry.space_group_name_H-M   'I 2 2 2'
#
loop_
_entity.id
_entity.type
_entity.pdbx_description
1 polymer '2-OXOGLUTARATE OXYGENASE'
2 non-polymer 'NICKEL (II) ION'
3 non-polymer 'PYRIDINE-2,4-DICARBOXYLIC ACID'
4 non-polymer GLYCEROL
5 water water
#
_entity_poly.entity_id   1
_entity_poly.type   'polypeptide(L)'
_entity_poly.pdbx_seq_one_letter_code
;MHHHHHHSSGVDLGTENLYFQSMKSVHSSPQNTSHTIMTFYPTMEEFADFNTYVAYMESQGAHQAGLAKVIPPKEWKARQ
MYDDIEDILIATPLQQVTSGQGGVFTQYHKKKKAMRVGQYRRLANSKKYQTPPHQNFADLEQRYWKSHPGNPPIYGADIS
GSLFEESTKQWNLGHLGTILDLLEQECGVVIEGVNTPYLYFGMWKTTFAWHTEDMDLYSINYLHFGEPKTWYVVPPEHGQ
HLERLARELFPDISRGCEAFLRHKVALISPTVLKENGIPFNCMTQEAGEFMVTFPYGYHAGFNHGFNCAEAINFATPRWI
DYGKMASQCSCGESTVTFSMDPFVRIVQPESYELWKHR
;
_entity_poly.pdbx_strand_id   A,B,C
#
# COMPACT_ATOMS: atom_id res chain seq x y z
N HIS A 35 -15.29 14.96 -25.61
CA HIS A 35 -13.83 14.74 -25.53
C HIS A 35 -13.37 14.21 -24.17
N THR A 36 -13.92 14.76 -23.08
CA THR A 36 -13.54 14.36 -21.71
C THR A 36 -14.77 13.95 -20.89
N ILE A 37 -14.64 12.92 -20.05
CA ILE A 37 -15.81 12.41 -19.32
C ILE A 37 -16.25 13.42 -18.26
N MET A 38 -17.49 13.84 -18.33
CA MET A 38 -18.03 14.81 -17.39
C MET A 38 -18.60 14.16 -16.13
N THR A 39 -18.51 14.86 -15.00
CA THR A 39 -19.17 14.44 -13.77
C THR A 39 -20.19 15.48 -13.34
N PHE A 40 -21.43 15.06 -13.13
CA PHE A 40 -22.50 15.96 -12.74
C PHE A 40 -22.88 15.75 -11.27
N TYR A 41 -23.19 16.86 -10.61
CA TYR A 41 -23.57 16.89 -9.21
C TYR A 41 -24.95 17.54 -9.04
N PRO A 42 -26.01 16.86 -9.47
CA PRO A 42 -27.36 17.42 -9.35
C PRO A 42 -27.81 17.63 -7.91
N THR A 43 -28.52 18.74 -7.68
CA THR A 43 -29.27 18.92 -6.44
C THR A 43 -30.51 18.06 -6.50
N MET A 44 -31.18 17.90 -5.36
CA MET A 44 -32.38 17.08 -5.28
C MET A 44 -33.45 17.55 -6.29
N GLU A 45 -33.67 18.87 -6.34
CA GLU A 45 -34.64 19.46 -7.26
C GLU A 45 -34.27 19.13 -8.70
N GLU A 46 -32.99 19.30 -9.04
CA GLU A 46 -32.51 18.94 -10.38
C GLU A 46 -32.63 17.44 -10.63
N PHE A 47 -32.56 16.66 -9.57
CA PHE A 47 -32.56 15.20 -9.67
C PHE A 47 -33.93 14.60 -9.98
N ALA A 48 -35.01 15.33 -9.70
CA ALA A 48 -36.35 14.74 -9.70
C ALA A 48 -36.74 14.05 -11.01
N ASP A 49 -36.58 14.73 -12.13
CA ASP A 49 -37.01 14.20 -13.42
C ASP A 49 -35.83 13.71 -14.23
N PHE A 50 -35.80 12.41 -14.47
CA PHE A 50 -34.68 11.79 -15.17
C PHE A 50 -34.52 12.26 -16.62
N ASN A 51 -35.62 12.19 -17.38
CA ASN A 51 -35.63 12.59 -18.78
C ASN A 51 -35.08 13.98 -18.94
N THR A 52 -35.51 14.88 -18.08
CA THR A 52 -35.11 16.29 -18.16
C THR A 52 -33.62 16.44 -17.88
N TYR A 53 -33.14 15.71 -16.89
CA TYR A 53 -31.75 15.84 -16.53
C TYR A 53 -30.81 15.28 -17.58
N VAL A 54 -31.19 14.19 -18.23
CA VAL A 54 -30.39 13.66 -19.33
C VAL A 54 -30.33 14.64 -20.49
N ALA A 55 -31.46 15.29 -20.81
CA ALA A 55 -31.49 16.32 -21.85
C ALA A 55 -30.54 17.45 -21.46
N TYR A 56 -30.50 17.75 -20.17
CA TYR A 56 -29.60 18.79 -19.67
C TYR A 56 -28.14 18.38 -19.81
N MET A 57 -27.81 17.18 -19.37
CA MET A 57 -26.46 16.66 -19.53
C MET A 57 -25.97 16.78 -20.98
N GLU A 58 -26.85 16.46 -21.93
CA GLU A 58 -26.52 16.53 -23.36
C GLU A 58 -26.34 17.96 -23.84
N SER A 59 -27.17 18.87 -23.33
CA SER A 59 -27.02 20.28 -23.67
C SER A 59 -25.66 20.80 -23.22
N GLN A 60 -25.06 20.18 -22.22
CA GLN A 60 -23.70 20.51 -21.76
C GLN A 60 -22.60 19.67 -22.44
N GLY A 61 -22.97 18.86 -23.45
CA GLY A 61 -22.00 18.07 -24.23
C GLY A 61 -21.62 16.71 -23.67
N ALA A 62 -22.33 16.24 -22.65
CA ALA A 62 -21.92 15.01 -21.95
C ALA A 62 -21.74 13.82 -22.89
N HIS A 63 -22.65 13.75 -23.86
CA HIS A 63 -22.71 12.65 -24.80
C HIS A 63 -21.49 12.52 -25.72
N GLN A 64 -20.74 13.60 -25.85
CA GLN A 64 -19.57 13.63 -26.71
C GLN A 64 -18.45 12.68 -26.29
N ALA A 65 -18.27 12.53 -24.98
CA ALA A 65 -17.26 11.62 -24.46
C ALA A 65 -17.73 10.15 -24.57
N GLY A 66 -19.05 9.94 -24.63
CA GLY A 66 -19.61 8.60 -24.68
C GLY A 66 -20.09 8.08 -23.34
N LEU A 67 -19.73 8.79 -22.28
CA LEU A 67 -19.93 8.33 -20.92
C LEU A 67 -19.95 9.56 -19.99
N ALA A 68 -20.87 9.58 -19.03
CA ALA A 68 -20.87 10.62 -17.99
C ALA A 68 -21.09 9.96 -16.64
N LYS A 69 -20.49 10.53 -15.59
CA LYS A 69 -20.77 10.13 -14.22
C LYS A 69 -21.77 11.09 -13.59
N VAL A 70 -22.69 10.55 -12.81
CA VAL A 70 -23.63 11.36 -12.05
C VAL A 70 -23.57 10.97 -10.59
N ILE A 71 -23.24 11.94 -9.76
CA ILE A 71 -23.18 11.73 -8.32
C ILE A 71 -24.47 12.25 -7.72
N PRO A 72 -25.27 11.37 -7.09
CA PRO A 72 -26.56 11.82 -6.57
C PRO A 72 -26.40 12.79 -5.40
N PRO A 73 -27.46 13.56 -5.09
CA PRO A 73 -27.45 14.45 -3.94
C PRO A 73 -27.24 13.67 -2.65
N LYS A 74 -26.71 14.34 -1.62
CA LYS A 74 -26.39 13.73 -0.34
C LYS A 74 -27.58 13.04 0.30
N GLU A 75 -28.76 13.66 0.24
CA GLU A 75 -29.96 13.13 0.89
C GLU A 75 -30.45 11.81 0.28
N TRP A 76 -30.15 11.59 -1.00
CA TRP A 76 -30.74 10.51 -1.77
C TRP A 76 -30.17 9.14 -1.43
N LYS A 77 -31.04 8.13 -1.41
CA LYS A 77 -30.64 6.75 -1.25
C LYS A 77 -31.39 5.82 -2.23
N ALA A 78 -30.66 4.83 -2.75
CA ALA A 78 -31.26 3.77 -3.58
C ALA A 78 -32.13 2.86 -2.70
N ARG A 79 -31.62 2.56 -1.51
CA ARG A 79 -32.37 1.85 -0.49
C ARG A 79 -31.76 2.05 0.89
N GLN A 80 -32.56 1.76 1.91
CA GLN A 80 -32.19 2.04 3.30
C GLN A 80 -31.00 1.19 3.74
N MET A 81 -31.12 -0.13 3.57
CA MET A 81 -30.11 -1.11 4.03
C MET A 81 -29.89 -2.25 3.02
N TYR A 82 -28.65 -2.70 2.87
CA TYR A 82 -28.35 -3.86 2.02
C TYR A 82 -28.04 -5.11 2.86
N ASP A 83 -28.77 -5.31 3.95
CA ASP A 83 -28.43 -6.34 4.95
C ASP A 83 -29.24 -7.64 4.81
N ASP A 84 -29.83 -7.86 3.64
CA ASP A 84 -30.80 -8.92 3.43
C ASP A 84 -30.64 -9.57 2.05
N ILE A 85 -29.41 -9.61 1.55
CA ILE A 85 -29.15 -9.98 0.17
C ILE A 85 -28.30 -11.26 0.04
N GLU A 86 -27.88 -11.85 1.14
CA GLU A 86 -27.00 -13.01 1.08
C GLU A 86 -27.65 -14.22 0.42
N ASP A 87 -28.96 -14.32 0.52
CA ASP A 87 -29.71 -15.43 -0.04
C ASP A 87 -30.15 -15.26 -1.47
N ILE A 88 -29.90 -14.09 -2.06
CA ILE A 88 -30.25 -13.87 -3.44
C ILE A 88 -29.55 -14.94 -4.29
N LEU A 89 -30.30 -15.46 -5.26
CA LEU A 89 -29.81 -16.54 -6.12
C LEU A 89 -29.13 -15.96 -7.35
N ILE A 90 -27.95 -16.49 -7.63
CA ILE A 90 -27.23 -16.32 -8.87
C ILE A 90 -27.39 -17.63 -9.66
N ALA A 91 -28.40 -17.65 -10.51
CA ALA A 91 -28.78 -18.86 -11.24
C ALA A 91 -27.65 -19.44 -12.08
N THR A 92 -26.85 -18.58 -12.72
CA THR A 92 -25.83 -19.00 -13.68
C THR A 92 -24.59 -18.09 -13.61
N PRO A 93 -23.75 -18.26 -12.58
CA PRO A 93 -22.50 -17.54 -12.53
C PRO A 93 -21.65 -17.91 -13.76
N LEU A 94 -20.87 -16.95 -14.26
CA LEU A 94 -20.11 -17.14 -15.50
C LEU A 94 -18.61 -17.12 -15.21
N GLN A 95 -17.91 -18.19 -15.55
CA GLN A 95 -16.45 -18.20 -15.45
C GLN A 95 -15.87 -17.59 -16.70
N GLN A 96 -15.02 -16.58 -16.53
CA GLN A 96 -14.55 -15.78 -17.67
C GLN A 96 -13.13 -16.19 -18.02
N VAL A 97 -12.98 -16.89 -19.13
CA VAL A 97 -11.67 -17.35 -19.54
C VAL A 97 -11.16 -16.46 -20.65
N THR A 98 -9.97 -15.90 -20.45
CA THR A 98 -9.35 -15.05 -21.44
C THR A 98 -8.21 -15.82 -22.14
N SER A 99 -8.00 -15.51 -23.41
CA SER A 99 -6.81 -15.99 -24.11
C SER A 99 -6.32 -14.90 -25.06
N GLY A 100 -5.02 -14.89 -25.30
CA GLY A 100 -4.39 -13.90 -26.13
C GLY A 100 -3.13 -13.40 -25.49
N GLN A 101 -2.58 -12.34 -26.06
CA GLN A 101 -1.31 -11.79 -25.64
C GLN A 101 -1.25 -10.32 -26.05
N GLY A 102 -0.33 -9.58 -25.42
CA GLY A 102 -0.03 -8.21 -25.83
C GLY A 102 -1.22 -7.26 -25.89
N GLY A 103 -2.07 -7.32 -24.86
CA GLY A 103 -3.21 -6.42 -24.72
C GLY A 103 -4.36 -6.70 -25.67
N VAL A 104 -4.30 -7.83 -26.35
CA VAL A 104 -5.38 -8.22 -27.26
C VAL A 104 -5.88 -9.63 -26.91
N PHE A 105 -7.10 -9.69 -26.39
CA PHE A 105 -7.61 -10.93 -25.84
C PHE A 105 -9.04 -11.19 -26.26
N THR A 106 -9.36 -12.47 -26.37
CA THR A 106 -10.69 -12.97 -26.54
C THR A 106 -11.17 -13.49 -25.19
N GLN A 107 -12.41 -13.21 -24.87
CA GLN A 107 -12.97 -13.65 -23.62
C GLN A 107 -14.07 -14.66 -23.90
N TYR A 108 -14.09 -15.72 -23.09
CA TYR A 108 -15.08 -16.76 -23.22
C TYR A 108 -15.74 -17.02 -21.86
N HIS A 109 -17.03 -17.33 -21.87
CA HIS A 109 -17.82 -17.46 -20.66
C HIS A 109 -18.32 -18.85 -20.49
N LYS A 110 -17.97 -19.50 -19.39
CA LYS A 110 -18.45 -20.83 -19.06
C LYS A 110 -19.49 -20.72 -17.95
N LYS A 111 -20.65 -21.30 -18.19
CA LYS A 111 -21.74 -21.31 -17.20
C LYS A 111 -21.43 -22.26 -16.12
N LYS A 112 -21.53 -21.82 -14.88
CA LYS A 112 -21.29 -22.65 -13.69
C LYS A 112 -22.60 -22.88 -12.98
N LYS A 113 -22.57 -23.76 -11.97
CA LYS A 113 -23.75 -24.11 -11.20
C LYS A 113 -24.18 -22.92 -10.35
N ALA A 114 -25.46 -22.93 -9.97
CA ALA A 114 -26.04 -21.88 -9.15
C ALA A 114 -25.37 -21.75 -7.78
N MET A 115 -25.53 -20.57 -7.21
CA MET A 115 -24.84 -20.15 -6.02
C MET A 115 -25.69 -19.06 -5.40
N ARG A 116 -25.53 -18.81 -4.12
CA ARG A 116 -26.13 -17.65 -3.48
C ARG A 116 -25.12 -16.51 -3.39
N VAL A 117 -25.61 -15.30 -3.19
CA VAL A 117 -24.74 -14.13 -3.08
C VAL A 117 -23.73 -14.26 -1.92
N GLY A 118 -24.16 -14.84 -0.82
CA GLY A 118 -23.27 -15.10 0.32
C GLY A 118 -22.10 -15.99 -0.05
N GLN A 119 -22.36 -17.06 -0.79
CA GLN A 119 -21.30 -17.95 -1.29
C GLN A 119 -20.39 -17.19 -2.24
N TYR A 120 -21.02 -16.41 -3.11
CA TYR A 120 -20.29 -15.65 -4.11
C TYR A 120 -19.35 -14.65 -3.44
N ARG A 121 -19.88 -13.91 -2.46
CA ARG A 121 -19.07 -12.98 -1.68
C ARG A 121 -17.89 -13.67 -1.01
N ARG A 122 -18.12 -14.79 -0.35
CA ARG A 122 -17.03 -15.52 0.24
C ARG A 122 -16.00 -15.92 -0.80
N LEU A 123 -16.46 -16.40 -1.95
CA LEU A 123 -15.55 -16.81 -3.01
C LEU A 123 -14.76 -15.59 -3.52
N ALA A 124 -15.43 -14.46 -3.71
CA ALA A 124 -14.77 -13.23 -4.17
C ALA A 124 -13.64 -12.79 -3.22
N ASN A 125 -13.87 -12.95 -1.92
CA ASN A 125 -12.87 -12.53 -0.92
C ASN A 125 -11.84 -13.58 -0.51
N SER A 126 -11.95 -14.80 -1.05
CA SER A 126 -11.01 -15.89 -0.79
C SER A 126 -9.64 -15.56 -1.40
N LYS A 127 -8.62 -16.28 -0.94
CA LYS A 127 -7.25 -16.04 -1.37
C LYS A 127 -7.14 -16.19 -2.87
N LYS A 128 -7.74 -17.23 -3.44
CA LYS A 128 -7.63 -17.46 -4.90
C LYS A 128 -8.15 -16.30 -5.73
N TYR A 129 -9.23 -15.68 -5.31
CA TYR A 129 -9.93 -14.68 -6.15
C TYR A 129 -9.77 -13.21 -5.71
N GLN A 130 -9.26 -12.98 -4.51
CA GLN A 130 -9.25 -11.64 -3.95
C GLN A 130 -8.38 -10.67 -4.78
N THR A 131 -8.69 -9.38 -4.66
CA THR A 131 -7.89 -8.28 -5.26
C THR A 131 -6.46 -8.39 -4.76
N PRO A 132 -5.48 -8.33 -5.66
CA PRO A 132 -4.11 -8.32 -5.21
C PRO A 132 -3.79 -7.01 -4.51
N PRO A 133 -2.69 -6.99 -3.72
CA PRO A 133 -2.29 -5.75 -3.07
C PRO A 133 -1.80 -4.75 -4.10
N HIS A 134 -2.11 -3.48 -3.88
CA HIS A 134 -1.83 -2.43 -4.87
C HIS A 134 -1.64 -1.08 -4.18
N GLN A 135 -0.73 -0.28 -4.73
CA GLN A 135 -0.42 1.04 -4.19
C GLN A 135 -1.49 2.06 -4.49
N ASN A 136 -2.15 1.90 -5.64
CA ASN A 136 -3.13 2.88 -6.14
C ASN A 136 -3.81 2.33 -7.39
N PHE A 137 -4.66 3.14 -8.00
CA PHE A 137 -5.36 2.71 -9.20
C PHE A 137 -4.44 2.34 -10.34
N ALA A 138 -3.52 3.23 -10.66
CA ALA A 138 -2.55 2.97 -11.73
C ALA A 138 -1.89 1.60 -11.53
N ASP A 139 -1.50 1.34 -10.28
CA ASP A 139 -0.89 0.09 -9.95
C ASP A 139 -1.86 -1.04 -10.27
N LEU A 140 -3.10 -0.91 -9.80
CA LEU A 140 -4.12 -1.97 -9.95
C LEU A 140 -4.50 -2.19 -11.41
N GLU A 141 -4.60 -1.10 -12.16
CA GLU A 141 -4.91 -1.14 -13.59
C GLU A 141 -3.82 -1.88 -14.36
N GLN A 142 -2.57 -1.56 -14.06
CA GLN A 142 -1.43 -2.27 -14.65
C GLN A 142 -1.49 -3.76 -14.32
N ARG A 143 -1.77 -4.10 -13.06
CA ARG A 143 -1.93 -5.51 -12.64
C ARG A 143 -3.09 -6.20 -13.35
N TYR A 144 -4.20 -5.48 -13.53
CA TYR A 144 -5.33 -6.05 -14.27
C TYR A 144 -4.92 -6.44 -15.68
N TRP A 145 -4.31 -5.51 -16.41
CA TRP A 145 -3.91 -5.76 -17.79
C TRP A 145 -2.77 -6.75 -17.88
N LYS A 146 -1.87 -6.77 -16.88
CA LYS A 146 -0.80 -7.75 -16.87
C LYS A 146 -1.31 -9.12 -16.42
N SER A 147 -2.49 -9.21 -15.83
CA SER A 147 -2.99 -10.49 -15.28
C SER A 147 -3.60 -11.41 -16.34
N HIS A 148 -3.79 -10.92 -17.55
CA HIS A 148 -4.41 -11.76 -18.59
C HIS A 148 -3.35 -12.55 -19.34
N PRO A 149 -3.62 -13.85 -19.63
CA PRO A 149 -4.78 -14.68 -19.27
C PRO A 149 -5.02 -14.96 -17.78
N GLY A 150 -4.08 -15.60 -17.11
CA GLY A 150 -4.22 -15.87 -15.66
C GLY A 150 -5.49 -16.56 -15.19
N ASN A 151 -5.70 -16.50 -13.87
CA ASN A 151 -6.78 -17.23 -13.20
C ASN A 151 -8.17 -16.69 -13.56
N PRO A 152 -9.05 -17.55 -14.12
CA PRO A 152 -10.34 -17.03 -14.58
C PRO A 152 -11.29 -16.69 -13.44
N PRO A 153 -11.75 -15.43 -13.36
CA PRO A 153 -12.65 -15.06 -12.28
C PRO A 153 -14.07 -15.55 -12.60
N ILE A 154 -14.98 -15.43 -11.62
CA ILE A 154 -16.38 -15.83 -11.83
C ILE A 154 -17.25 -14.61 -11.66
N TYR A 155 -18.11 -14.35 -12.65
CA TYR A 155 -18.90 -13.15 -12.67
C TYR A 155 -20.36 -13.51 -12.47
N GLY A 156 -20.96 -12.93 -11.45
CA GLY A 156 -22.40 -13.08 -11.23
C GLY A 156 -23.14 -12.04 -12.02
N ALA A 157 -23.09 -12.19 -13.34
CA ALA A 157 -23.62 -11.21 -14.29
C ALA A 157 -25.03 -11.56 -14.70
N ASP A 158 -25.77 -10.57 -15.19
CA ASP A 158 -27.05 -10.82 -15.88
C ASP A 158 -28.13 -11.45 -15.02
N ILE A 159 -28.22 -10.99 -13.78
CA ILE A 159 -29.26 -11.45 -12.86
C ILE A 159 -30.44 -10.52 -12.99
N SER A 160 -31.58 -11.09 -13.37
CA SER A 160 -32.79 -10.28 -13.53
C SER A 160 -33.21 -9.87 -12.13
N GLY A 161 -33.32 -8.56 -11.89
CA GLY A 161 -33.69 -8.07 -10.57
C GLY A 161 -33.20 -6.65 -10.30
N SER A 162 -33.66 -6.10 -9.17
CA SER A 162 -33.30 -4.75 -8.75
C SER A 162 -33.13 -4.71 -7.26
N LEU A 163 -32.22 -3.87 -6.79
CA LEU A 163 -32.08 -3.63 -5.35
C LEU A 163 -32.58 -2.25 -4.96
N PHE A 164 -33.19 -1.51 -5.90
CA PHE A 164 -33.89 -0.27 -5.54
C PHE A 164 -35.20 -0.60 -4.86
N GLU A 165 -35.55 0.22 -3.86
CA GLU A 165 -36.86 0.14 -3.22
C GLU A 165 -37.86 1.00 -3.94
N GLU A 166 -39.12 0.64 -3.86
CA GLU A 166 -40.20 1.46 -4.44
C GLU A 166 -40.26 2.85 -3.83
N SER A 167 -39.86 2.95 -2.56
CA SER A 167 -39.77 4.23 -1.88
C SER A 167 -38.84 5.23 -2.57
N THR A 168 -37.83 4.75 -3.30
CA THR A 168 -36.92 5.61 -4.06
C THR A 168 -37.62 6.11 -5.31
N LYS A 169 -37.92 7.41 -5.33
CA LYS A 169 -38.70 8.02 -6.40
C LYS A 169 -37.87 8.83 -7.42
N GLN A 170 -36.58 9.06 -7.18
CA GLN A 170 -35.66 9.70 -8.17
C GLN A 170 -34.77 8.53 -8.56
N TRP A 171 -34.66 8.22 -9.85
CA TRP A 171 -33.41 7.78 -10.54
C TRP A 171 -33.45 6.29 -10.12
N ASN A 172 -34.66 5.76 -10.00
CA ASN A 172 -34.92 4.36 -9.74
C ASN A 172 -34.86 3.64 -11.08
N LEU A 173 -33.87 2.77 -11.22
CA LEU A 173 -33.60 2.10 -12.49
C LEU A 173 -34.75 1.23 -12.99
N GLY A 174 -35.69 0.88 -12.12
CA GLY A 174 -36.89 0.20 -12.55
C GLY A 174 -37.96 1.09 -13.13
N HIS A 175 -37.81 2.41 -12.97
CA HIS A 175 -38.89 3.36 -13.29
C HIS A 175 -38.35 4.70 -13.79
N LEU A 176 -37.47 4.65 -14.77
CA LEU A 176 -36.86 5.84 -15.30
C LEU A 176 -37.85 6.64 -16.11
N GLY A 177 -38.86 5.99 -16.69
CA GLY A 177 -39.92 6.73 -17.41
C GLY A 177 -39.51 7.36 -18.72
N THR A 178 -38.55 6.78 -19.41
CA THR A 178 -38.20 7.27 -20.73
C THR A 178 -39.09 6.59 -21.78
N ILE A 179 -38.93 7.04 -23.03
CA ILE A 179 -39.70 6.52 -24.13
C ILE A 179 -39.40 5.03 -24.43
N LEU A 180 -38.34 4.48 -23.87
CA LEU A 180 -38.13 3.02 -23.98
C LEU A 180 -39.32 2.24 -23.43
N ASP A 181 -40.05 2.83 -22.49
CA ASP A 181 -41.27 2.20 -21.94
C ASP A 181 -42.31 1.89 -23.01
N LEU A 182 -42.27 2.59 -24.15
CA LEU A 182 -43.19 2.31 -25.24
C LEU A 182 -43.05 0.90 -25.79
N LEU A 183 -41.86 0.30 -25.66
CA LEU A 183 -41.64 -1.05 -26.17
C LEU A 183 -42.59 -2.05 -25.50
N GLU A 184 -42.59 -2.04 -24.17
CA GLU A 184 -43.51 -2.87 -23.42
C GLU A 184 -44.95 -2.41 -23.58
N GLN A 185 -45.16 -1.11 -23.43
CA GLN A 185 -46.49 -0.51 -23.37
C GLN A 185 -47.30 -0.71 -24.68
N GLU A 186 -46.64 -0.53 -25.82
CA GLU A 186 -47.30 -0.64 -27.12
C GLU A 186 -47.20 -2.02 -27.76
N CYS A 187 -46.06 -2.69 -27.63
CA CYS A 187 -45.84 -3.96 -28.34
C CYS A 187 -45.87 -5.16 -27.43
N GLY A 188 -45.86 -4.91 -26.12
CA GLY A 188 -45.88 -6.01 -25.14
C GLY A 188 -44.55 -6.74 -25.04
N VAL A 189 -43.48 -6.14 -25.55
CA VAL A 189 -42.19 -6.80 -25.63
C VAL A 189 -41.40 -6.54 -24.34
N VAL A 190 -40.91 -7.62 -23.75
CA VAL A 190 -40.09 -7.56 -22.54
C VAL A 190 -38.76 -8.21 -22.87
N ILE A 191 -37.68 -7.47 -22.70
CA ILE A 191 -36.34 -8.01 -22.92
C ILE A 191 -35.51 -7.82 -21.65
N GLU A 192 -35.26 -8.91 -20.93
CA GLU A 192 -34.65 -8.78 -19.63
C GLU A 192 -33.30 -8.19 -19.77
N GLY A 193 -32.98 -7.23 -18.92
CA GLY A 193 -31.69 -6.59 -18.98
C GLY A 193 -31.67 -5.37 -19.90
N VAL A 194 -32.65 -5.25 -20.79
CA VAL A 194 -32.73 -4.10 -21.70
C VAL A 194 -33.83 -3.17 -21.21
N ASN A 195 -35.07 -3.65 -21.17
CA ASN A 195 -36.13 -2.84 -20.56
C ASN A 195 -36.58 -3.35 -19.21
N THR A 196 -35.82 -4.29 -18.66
CA THR A 196 -35.86 -4.63 -17.24
C THR A 196 -34.43 -4.62 -16.68
N PRO A 197 -34.28 -4.36 -15.39
CA PRO A 197 -32.93 -4.27 -14.87
C PRO A 197 -32.19 -5.60 -14.63
N TYR A 198 -30.87 -5.51 -14.76
CA TYR A 198 -29.96 -6.61 -14.39
C TYR A 198 -29.11 -6.19 -13.23
N LEU A 199 -28.80 -7.15 -12.37
CA LEU A 199 -27.84 -7.00 -11.33
C LEU A 199 -26.55 -7.72 -11.75
N TYR A 200 -25.42 -7.17 -11.31
CA TYR A 200 -24.09 -7.72 -11.57
C TYR A 200 -23.33 -7.78 -10.25
N PHE A 201 -23.15 -8.98 -9.73
CA PHE A 201 -22.25 -9.22 -8.61
C PHE A 201 -20.88 -9.59 -9.17
N GLY A 202 -19.87 -8.75 -8.85
CA GLY A 202 -18.55 -8.84 -9.47
C GLY A 202 -17.48 -9.23 -8.43
N MET A 203 -16.31 -9.60 -8.92
CA MET A 203 -15.13 -9.86 -8.11
C MET A 203 -13.93 -9.34 -8.93
N TRP A 204 -12.76 -9.31 -8.29
CA TRP A 204 -11.53 -8.84 -8.93
C TRP A 204 -11.39 -9.45 -10.31
N LYS A 205 -11.13 -8.60 -11.31
CA LYS A 205 -10.75 -9.06 -12.63
C LYS A 205 -11.97 -9.45 -13.53
N THR A 206 -13.19 -9.47 -12.98
CA THR A 206 -14.35 -9.71 -13.82
C THR A 206 -14.48 -8.51 -14.77
N THR A 207 -14.84 -8.76 -16.01
CA THR A 207 -14.80 -7.78 -17.01
C THR A 207 -16.01 -7.73 -17.91
N PHE A 208 -16.25 -6.54 -18.46
CA PHE A 208 -17.14 -6.38 -19.61
C PHE A 208 -16.32 -5.96 -20.79
N ALA A 209 -16.29 -6.80 -21.83
CA ALA A 209 -15.46 -6.55 -22.99
C ALA A 209 -16.08 -5.41 -23.83
N TRP A 210 -15.34 -4.93 -24.82
CA TRP A 210 -15.82 -3.82 -25.66
C TRP A 210 -17.16 -4.11 -26.31
N HIS A 211 -18.10 -3.18 -26.22
CA HIS A 211 -19.40 -3.35 -26.82
C HIS A 211 -20.11 -2.01 -26.90
N THR A 212 -21.19 -1.96 -27.68
CA THR A 212 -22.22 -0.92 -27.56
C THR A 212 -23.50 -1.64 -27.17
N GLU A 213 -24.53 -0.89 -26.77
CA GLU A 213 -25.79 -1.45 -26.27
C GLU A 213 -26.69 -1.91 -27.39
N ASP A 214 -27.62 -2.80 -27.07
CA ASP A 214 -28.58 -3.25 -28.08
C ASP A 214 -29.34 -2.05 -28.64
N MET A 215 -29.56 -2.07 -29.95
CA MET A 215 -30.29 -1.06 -30.67
C MET A 215 -29.68 0.34 -30.48
N ASP A 216 -28.39 0.38 -30.16
CA ASP A 216 -27.65 1.62 -29.85
C ASP A 216 -28.34 2.49 -28.81
N LEU A 217 -28.95 1.83 -27.84
CA LEU A 217 -29.64 2.49 -26.74
C LEU A 217 -28.62 3.13 -25.81
N TYR A 218 -29.13 4.02 -24.96
CA TYR A 218 -28.37 4.50 -23.81
C TYR A 218 -28.33 3.38 -22.76
N SER A 219 -27.43 3.47 -21.79
CA SER A 219 -27.54 2.65 -20.55
C SER A 219 -27.24 3.49 -19.34
N ILE A 220 -27.76 3.05 -18.19
CA ILE A 220 -27.41 3.64 -16.91
C ILE A 220 -27.00 2.49 -15.97
N ASN A 221 -25.93 2.71 -15.22
CA ASN A 221 -25.34 1.71 -14.31
CA ASN A 221 -25.36 1.73 -14.34
C ASN A 221 -25.13 2.34 -12.95
N TYR A 222 -25.67 1.73 -11.89
CA TYR A 222 -25.54 2.23 -10.53
C TYR A 222 -24.78 1.21 -9.71
N LEU A 223 -23.72 1.65 -9.03
CA LEU A 223 -22.92 0.74 -8.21
C LEU A 223 -23.48 0.78 -6.81
N HIS A 224 -24.29 -0.19 -6.44
CA HIS A 224 -24.93 -0.20 -5.13
C HIS A 224 -23.93 -0.20 -3.96
N PHE A 225 -22.97 -1.10 -4.01
CA PHE A 225 -21.98 -1.23 -2.97
C PHE A 225 -20.77 -2.03 -3.42
N GLY A 226 -19.71 -1.98 -2.61
CA GLY A 226 -18.50 -2.76 -2.83
C GLY A 226 -17.36 -1.99 -3.47
N GLU A 227 -16.45 -2.72 -4.09
CA GLU A 227 -15.24 -2.15 -4.68
C GLU A 227 -15.52 -1.48 -6.04
N PRO A 228 -14.62 -0.61 -6.48
CA PRO A 228 -14.93 0.16 -7.71
C PRO A 228 -15.03 -0.65 -9.01
N LYS A 229 -15.53 0.01 -10.02
CA LYS A 229 -15.66 -0.56 -11.35
C LYS A 229 -15.04 0.49 -12.26
N THR A 230 -14.04 0.07 -13.02
CA THR A 230 -13.32 0.96 -13.91
C THR A 230 -13.89 0.85 -15.32
N TRP A 231 -14.08 1.99 -15.97
CA TRP A 231 -14.68 2.06 -17.30
C TRP A 231 -13.71 2.68 -18.28
N TYR A 232 -13.68 2.13 -19.49
CA TYR A 232 -13.01 2.72 -20.63
C TYR A 232 -14.08 3.02 -21.64
N VAL A 233 -14.01 4.19 -22.28
CA VAL A 233 -14.96 4.53 -23.31
C VAL A 233 -14.22 5.20 -24.49
N VAL A 234 -14.64 4.87 -25.71
CA VAL A 234 -14.17 5.54 -26.93
C VAL A 234 -15.25 6.50 -27.39
N PRO A 235 -14.94 7.80 -27.49
CA PRO A 235 -15.92 8.80 -27.95
C PRO A 235 -16.63 8.34 -29.21
N PRO A 236 -17.94 8.59 -29.32
CA PRO A 236 -18.73 8.19 -30.46
C PRO A 236 -18.15 8.60 -31.80
N GLU A 237 -17.57 9.78 -31.87
CA GLU A 237 -16.91 10.26 -33.07
C GLU A 237 -15.83 9.31 -33.56
N HIS A 238 -15.28 8.51 -32.67
CA HIS A 238 -14.16 7.63 -33.02
C HIS A 238 -14.49 6.15 -32.99
N GLY A 239 -15.77 5.83 -32.89
CA GLY A 239 -16.22 4.46 -32.86
C GLY A 239 -15.77 3.66 -34.08
N GLN A 240 -15.92 4.25 -35.27
CA GLN A 240 -15.61 3.53 -36.50
C GLN A 240 -14.13 3.14 -36.55
N HIS A 241 -13.28 4.02 -36.03
CA HIS A 241 -11.85 3.73 -35.91
C HIS A 241 -11.60 2.52 -34.98
N LEU A 242 -12.33 2.46 -33.87
CA LEU A 242 -12.18 1.30 -32.96
C LEU A 242 -12.57 0.03 -33.70
N GLU A 243 -13.69 0.10 -34.43
CA GLU A 243 -14.20 -1.03 -35.21
C GLU A 243 -13.20 -1.53 -36.25
N ARG A 244 -12.51 -0.60 -36.92
CA ARG A 244 -11.50 -0.96 -37.91
C ARG A 244 -10.33 -1.66 -37.22
N LEU A 245 -9.80 -1.04 -36.17
CA LEU A 245 -8.72 -1.64 -35.37
C LEU A 245 -9.11 -3.04 -34.92
N ALA A 246 -10.35 -3.22 -34.49
CA ALA A 246 -10.82 -4.50 -33.96
C ALA A 246 -10.83 -5.59 -35.03
N ARG A 247 -11.29 -5.23 -36.23
CA ARG A 247 -11.30 -6.14 -37.36
C ARG A 247 -9.89 -6.61 -37.70
N GLU A 248 -8.92 -5.69 -37.67
CA GLU A 248 -7.51 -6.03 -37.86
C GLU A 248 -6.98 -6.96 -36.77
N LEU A 249 -7.32 -6.66 -35.51
CA LEU A 249 -6.80 -7.41 -34.38
C LEU A 249 -7.44 -8.79 -34.20
N PHE A 250 -8.68 -8.95 -34.65
CA PHE A 250 -9.41 -10.21 -34.50
C PHE A 250 -9.92 -10.67 -35.86
N PRO A 251 -9.00 -11.15 -36.73
CA PRO A 251 -9.40 -11.49 -38.10
C PRO A 251 -10.44 -12.61 -38.16
N ASP A 252 -10.18 -13.71 -37.46
CA ASP A 252 -11.06 -14.86 -37.45
C ASP A 252 -12.48 -14.48 -37.05
N ILE A 253 -12.63 -13.69 -35.98
CA ILE A 253 -13.96 -13.34 -35.45
C ILE A 253 -14.72 -12.42 -36.42
N SER A 254 -14.02 -11.49 -37.03
CA SER A 254 -14.63 -10.58 -38.00
C SER A 254 -14.75 -11.27 -39.37
N ALA A 259 -19.22 -6.74 -36.99
CA ALA A 259 -20.20 -6.35 -35.98
C ALA A 259 -20.06 -7.12 -34.69
N PHE A 260 -18.86 -7.66 -34.44
CA PHE A 260 -18.69 -8.66 -33.37
C PHE A 260 -18.45 -8.03 -31.99
N LEU A 261 -18.59 -6.71 -31.88
CA LEU A 261 -18.28 -6.03 -30.64
C LEU A 261 -19.49 -6.07 -29.69
N ARG A 262 -20.65 -5.63 -30.19
CA ARG A 262 -21.91 -5.81 -29.44
C ARG A 262 -21.98 -7.23 -28.84
N HIS A 263 -21.27 -8.19 -29.47
CA HIS A 263 -21.11 -9.53 -28.92
C HIS A 263 -20.38 -9.59 -27.56
N LYS A 264 -19.61 -8.54 -27.23
CA LYS A 264 -18.94 -8.44 -25.93
C LYS A 264 -17.83 -9.49 -25.65
N VAL A 265 -16.98 -9.73 -26.65
CA VAL A 265 -15.95 -10.79 -26.60
C VAL A 265 -14.51 -10.30 -26.77
N ALA A 266 -14.31 -9.10 -27.28
CA ALA A 266 -12.98 -8.59 -27.55
C ALA A 266 -12.53 -7.66 -26.43
N LEU A 267 -11.34 -7.93 -25.89
CA LEU A 267 -10.64 -7.04 -24.97
C LEU A 267 -9.44 -6.45 -25.66
N ILE A 268 -9.31 -5.12 -25.62
CA ILE A 268 -8.17 -4.41 -26.16
C ILE A 268 -7.66 -3.44 -25.11
N SER A 269 -6.38 -3.53 -24.77
CA SER A 269 -5.84 -2.72 -23.69
C SER A 269 -5.71 -1.24 -24.07
N PRO A 270 -5.61 -0.35 -23.07
CA PRO A 270 -5.36 1.07 -23.30
C PRO A 270 -4.09 1.35 -24.09
N THR A 271 -3.05 0.57 -23.82
CA THR A 271 -1.79 0.73 -24.52
C THR A 271 -1.95 0.47 -26.00
N VAL A 272 -2.68 -0.60 -26.32
CA VAL A 272 -2.93 -0.93 -27.73
C VAL A 272 -3.78 0.13 -28.40
N LEU A 273 -4.74 0.69 -27.67
CA LEU A 273 -5.53 1.82 -28.18
C LEU A 273 -4.64 3.02 -28.47
N LYS A 274 -3.80 3.39 -27.50
CA LYS A 274 -2.89 4.53 -27.65
C LYS A 274 -1.93 4.28 -28.81
N GLU A 275 -1.35 3.09 -28.85
CA GLU A 275 -0.45 2.70 -29.93
C GLU A 275 -1.06 2.84 -31.33
N ASN A 276 -2.38 2.66 -31.45
CA ASN A 276 -3.06 2.77 -32.73
C ASN A 276 -3.82 4.09 -32.87
N GLY A 277 -3.58 5.02 -31.95
CA GLY A 277 -4.15 6.34 -32.04
C GLY A 277 -5.67 6.35 -32.00
N ILE A 278 -6.24 5.59 -31.06
CA ILE A 278 -7.67 5.65 -30.82
C ILE A 278 -7.83 6.42 -29.54
N PRO A 279 -8.54 7.57 -29.58
CA PRO A 279 -8.79 8.29 -28.35
C PRO A 279 -9.74 7.50 -27.46
N PHE A 280 -9.50 7.54 -26.16
CA PHE A 280 -10.41 6.93 -25.18
C PHE A 280 -10.29 7.67 -23.87
N ASN A 281 -11.26 7.47 -23.01
CA ASN A 281 -11.21 8.01 -21.68
C ASN A 281 -11.38 6.87 -20.69
N CYS A 282 -10.84 7.08 -19.49
CA CYS A 282 -10.90 6.14 -18.42
C CYS A 282 -11.47 6.80 -17.18
N MET A 283 -12.48 6.21 -16.58
CA MET A 283 -13.12 6.76 -15.39
C MET A 283 -13.47 5.60 -14.43
N THR A 284 -13.13 5.75 -13.14
CA THR A 284 -13.47 4.75 -12.15
C THR A 284 -14.73 5.19 -11.43
N GLN A 285 -15.68 4.27 -11.33
CA GLN A 285 -16.94 4.46 -10.64
C GLN A 285 -16.84 3.80 -9.27
N GLU A 286 -17.26 4.54 -8.25
CA GLU A 286 -17.26 4.05 -6.89
C GLU A 286 -18.68 3.89 -6.39
N ALA A 287 -18.82 3.17 -5.29
CA ALA A 287 -20.15 2.86 -4.76
C ALA A 287 -20.95 4.14 -4.58
N GLY A 288 -22.22 4.12 -4.97
CA GLY A 288 -23.10 5.25 -4.82
C GLY A 288 -23.14 6.20 -6.00
N GLU A 289 -22.45 5.85 -7.08
CA GLU A 289 -22.35 6.70 -8.25
C GLU A 289 -23.04 6.05 -9.46
N PHE A 290 -23.62 6.88 -10.32
CA PHE A 290 -24.19 6.40 -11.58
C PHE A 290 -23.22 6.61 -12.74
N MET A 291 -23.24 5.70 -13.71
CA MET A 291 -22.56 5.92 -15.00
C MET A 291 -23.60 5.83 -16.11
N VAL A 292 -23.63 6.83 -17.00
CA VAL A 292 -24.55 6.85 -18.14
C VAL A 292 -23.76 6.70 -19.41
N THR A 293 -24.13 5.77 -20.26
CA THR A 293 -23.50 5.56 -21.56
C THR A 293 -24.44 6.07 -22.64
N PHE A 294 -23.86 6.59 -23.71
CA PHE A 294 -24.65 7.24 -24.76
C PHE A 294 -24.56 6.49 -26.08
N PRO A 295 -25.54 6.68 -26.98
CA PRO A 295 -25.51 5.94 -28.24
C PRO A 295 -24.19 6.07 -28.97
N TYR A 296 -23.78 4.98 -29.64
CA TYR A 296 -22.49 4.85 -30.34
C TYR A 296 -21.28 4.98 -29.41
N GLY A 297 -21.46 4.92 -28.10
CA GLY A 297 -20.32 4.98 -27.19
C GLY A 297 -19.81 3.59 -26.83
N TYR A 298 -18.74 3.11 -27.48
CA TYR A 298 -18.15 1.81 -27.12
C TYR A 298 -17.56 1.87 -25.73
N HIS A 299 -17.85 0.85 -24.90
CA HIS A 299 -17.25 0.80 -23.58
C HIS A 299 -16.83 -0.61 -23.10
N ALA A 300 -15.90 -0.63 -22.15
CA ALA A 300 -15.35 -1.84 -21.61
C ALA A 300 -14.88 -1.51 -20.21
N GLY A 301 -14.64 -2.51 -19.38
CA GLY A 301 -14.09 -2.26 -18.07
C GLY A 301 -13.95 -3.48 -17.18
N PHE A 302 -13.71 -3.24 -15.90
CA PHE A 302 -13.50 -4.32 -14.97
C PHE A 302 -13.79 -3.93 -13.54
N ASN A 303 -14.02 -4.94 -12.72
CA ASN A 303 -14.31 -4.74 -11.31
C ASN A 303 -13.06 -4.91 -10.47
N HIS A 304 -12.94 -4.10 -9.43
CA HIS A 304 -11.74 -4.07 -8.60
C HIS A 304 -11.78 -5.21 -7.58
N GLY A 305 -12.97 -5.70 -7.27
CA GLY A 305 -13.20 -6.59 -6.13
C GLY A 305 -14.69 -6.84 -5.96
N PHE A 306 -15.08 -7.45 -4.84
CA PHE A 306 -16.48 -7.77 -4.63
C PHE A 306 -17.34 -6.53 -4.70
N ASN A 307 -18.33 -6.53 -5.57
CA ASN A 307 -19.26 -5.41 -5.71
C ASN A 307 -20.60 -5.83 -6.29
N CYS A 308 -21.51 -4.88 -6.35
CA CYS A 308 -22.86 -5.13 -6.86
C CYS A 308 -23.33 -3.91 -7.63
N ALA A 309 -23.62 -4.10 -8.92
CA ALA A 309 -24.06 -3.04 -9.79
C ALA A 309 -25.41 -3.39 -10.36
N GLU A 310 -26.14 -2.36 -10.75
CA GLU A 310 -27.44 -2.55 -11.38
C GLU A 310 -27.50 -1.68 -12.64
N ALA A 311 -28.05 -2.22 -13.73
CA ALA A 311 -28.06 -1.52 -14.98
C ALA A 311 -29.33 -1.84 -15.77
N ILE A 312 -29.68 -0.89 -16.64
CA ILE A 312 -30.83 -1.02 -17.55
C ILE A 312 -30.56 -0.07 -18.73
N ASN A 313 -31.14 -0.38 -19.88
CA ASN A 313 -31.05 0.57 -21.00
C ASN A 313 -32.18 1.58 -20.89
N PHE A 314 -32.06 2.69 -21.60
CA PHE A 314 -33.11 3.65 -21.69
C PHE A 314 -33.01 4.35 -23.03
N ALA A 315 -34.02 5.13 -23.37
CA ALA A 315 -34.03 5.88 -24.66
C ALA A 315 -34.37 7.34 -24.43
N THR A 316 -34.10 8.15 -25.44
CA THR A 316 -34.53 9.56 -25.52
C THR A 316 -35.03 9.79 -26.95
N PRO A 317 -35.75 10.89 -27.18
CA PRO A 317 -36.11 11.24 -28.56
C PRO A 317 -34.90 11.29 -29.52
N ARG A 318 -33.76 11.79 -29.06
CA ARG A 318 -32.54 11.79 -29.86
C ARG A 318 -32.11 10.38 -30.30
N TRP A 319 -32.35 9.37 -29.46
CA TRP A 319 -31.96 8.01 -29.80
C TRP A 319 -32.71 7.47 -31.03
N ILE A 320 -33.92 7.94 -31.28
CA ILE A 320 -34.80 7.28 -32.28
C ILE A 320 -34.13 7.11 -33.64
N ASP A 321 -33.43 8.12 -34.10
CA ASP A 321 -32.76 8.01 -35.39
C ASP A 321 -31.56 7.04 -35.38
N TYR A 322 -30.92 6.85 -34.23
CA TYR A 322 -29.95 5.77 -34.07
C TYR A 322 -30.64 4.42 -34.15
N GLY A 323 -31.76 4.30 -33.44
CA GLY A 323 -32.59 3.10 -33.48
C GLY A 323 -33.01 2.71 -34.89
N LYS A 324 -33.40 3.71 -35.68
CA LYS A 324 -33.74 3.48 -37.09
C LYS A 324 -32.60 2.84 -37.86
N MET A 325 -31.38 3.24 -37.56
CA MET A 325 -30.22 2.72 -38.28
C MET A 325 -29.79 1.36 -37.78
N ALA A 326 -30.17 0.99 -36.55
CA ALA A 326 -29.71 -0.24 -35.92
C ALA A 326 -30.39 -1.47 -36.49
N VAL A 336 -30.27 -8.98 -29.97
CA VAL A 336 -31.39 -8.16 -29.46
C VAL A 336 -31.78 -7.01 -30.40
N THR A 337 -32.84 -7.26 -31.18
CA THR A 337 -33.42 -6.32 -32.09
C THR A 337 -34.89 -6.16 -31.67
N PHE A 338 -35.47 -4.99 -31.86
CA PHE A 338 -36.92 -4.82 -31.77
C PHE A 338 -37.39 -3.78 -32.77
N SER A 339 -38.71 -3.66 -32.95
CA SER A 339 -39.30 -2.77 -33.96
C SER A 339 -39.27 -1.33 -33.50
N MET A 340 -38.97 -0.42 -34.41
CA MET A 340 -38.98 1.00 -34.11
C MET A 340 -40.38 1.63 -34.21
N ASP A 341 -41.37 0.85 -34.67
CA ASP A 341 -42.69 1.40 -34.99
C ASP A 341 -43.29 2.29 -33.90
N PRO A 342 -43.38 1.78 -32.66
CA PRO A 342 -44.06 2.57 -31.64
C PRO A 342 -43.39 3.90 -31.38
N PHE A 343 -42.06 3.91 -31.45
CA PHE A 343 -41.28 5.11 -31.19
C PHE A 343 -41.51 6.13 -32.27
N VAL A 344 -41.36 5.74 -33.53
CA VAL A 344 -41.54 6.68 -34.66
C VAL A 344 -42.96 7.20 -34.71
N ARG A 345 -43.92 6.29 -34.50
CA ARG A 345 -45.35 6.61 -34.54
C ARG A 345 -45.77 7.62 -33.47
N ILE A 346 -45.31 7.41 -32.24
CA ILE A 346 -45.77 8.21 -31.12
C ILE A 346 -44.91 9.44 -30.93
N VAL A 347 -43.60 9.30 -31.12
CA VAL A 347 -42.66 10.39 -30.82
C VAL A 347 -42.31 11.24 -32.06
N GLN A 348 -42.39 10.64 -33.25
CA GLN A 348 -42.15 11.34 -34.49
C GLN A 348 -43.33 11.17 -35.45
N PRO A 349 -44.55 11.55 -35.00
CA PRO A 349 -45.72 11.41 -35.87
C PRO A 349 -45.54 12.15 -37.18
N GLU A 350 -44.87 13.29 -37.13
CA GLU A 350 -44.51 14.05 -38.33
C GLU A 350 -43.74 13.23 -39.38
N SER A 351 -42.91 12.29 -38.93
CA SER A 351 -41.86 11.75 -39.79
C SER A 351 -42.07 10.33 -40.13
N TYR A 352 -43.23 9.79 -39.77
CA TYR A 352 -43.46 8.35 -39.81
C TYR A 352 -43.04 7.72 -41.14
N HIS B 35 -12.48 -6.02 14.77
CA HIS B 35 -13.74 -5.82 15.54
C HIS B 35 -14.41 -7.17 15.86
N THR B 36 -14.55 -8.05 14.87
CA THR B 36 -15.20 -9.35 15.09
C THR B 36 -14.29 -10.50 14.63
N ILE B 37 -14.29 -11.62 15.36
CA ILE B 37 -13.35 -12.71 15.07
C ILE B 37 -13.72 -13.35 13.74
N MET B 38 -12.78 -13.40 12.82
CA MET B 38 -13.03 -13.99 11.50
C MET B 38 -12.70 -15.47 11.45
N THR B 39 -13.45 -16.21 10.63
CA THR B 39 -13.20 -17.63 10.41
C THR B 39 -12.87 -17.84 8.94
N PHE B 40 -11.73 -18.47 8.66
CA PHE B 40 -11.28 -18.71 7.30
C PHE B 40 -11.41 -20.18 6.92
N TYR B 41 -11.82 -20.40 5.69
CA TYR B 41 -11.97 -21.76 5.16
C TYR B 41 -11.12 -21.95 3.91
N PRO B 42 -9.79 -22.05 4.07
CA PRO B 42 -8.92 -22.21 2.92
C PRO B 42 -9.13 -23.52 2.20
N THR B 43 -9.01 -23.48 0.87
CA THR B 43 -8.86 -24.68 0.07
C THR B 43 -7.44 -25.18 0.21
N MET B 44 -7.19 -26.39 -0.27
CA MET B 44 -5.86 -27.01 -0.16
C MET B 44 -4.80 -26.12 -0.84
N GLU B 45 -5.09 -25.65 -2.05
CA GLU B 45 -4.16 -24.79 -2.78
C GLU B 45 -3.86 -23.51 -2.01
N GLU B 46 -4.89 -22.93 -1.42
CA GLU B 46 -4.71 -21.73 -0.61
C GLU B 46 -3.94 -22.03 0.64
N PHE B 47 -4.08 -23.27 1.12
CA PHE B 47 -3.47 -23.74 2.37
C PHE B 47 -1.97 -23.93 2.29
N ALA B 48 -1.41 -24.19 1.10
CA ALA B 48 -0.03 -24.69 1.00
C ALA B 48 1.00 -23.81 1.72
N ASP B 49 0.99 -22.51 1.45
CA ASP B 49 2.02 -21.61 1.96
C ASP B 49 1.51 -20.80 3.15
N PHE B 50 2.05 -21.11 4.33
CA PHE B 50 1.60 -20.51 5.58
C PHE B 50 1.81 -19.00 5.59
N ASN B 51 3.01 -18.55 5.26
CA ASN B 51 3.35 -17.12 5.29
C ASN B 51 2.41 -16.31 4.43
N THR B 52 2.15 -16.82 3.22
CA THR B 52 1.27 -16.16 2.24
C THR B 52 -0.15 -16.08 2.75
N TYR B 53 -0.62 -17.15 3.40
CA TYR B 53 -2.00 -17.19 3.87
C TYR B 53 -2.21 -16.24 5.04
N VAL B 54 -1.24 -16.17 5.94
CA VAL B 54 -1.33 -15.20 7.03
C VAL B 54 -1.36 -13.75 6.50
N ALA B 55 -0.54 -13.44 5.50
CA ALA B 55 -0.56 -12.10 4.88
C ALA B 55 -1.94 -11.81 4.27
N TYR B 56 -2.53 -12.83 3.66
CA TYR B 56 -3.87 -12.72 3.12
C TYR B 56 -4.88 -12.45 4.22
N MET B 57 -4.84 -13.24 5.29
CA MET B 57 -5.75 -13.04 6.41
C MET B 57 -5.74 -11.62 6.94
N GLU B 58 -4.54 -11.04 7.02
CA GLU B 58 -4.37 -9.66 7.47
C GLU B 58 -4.85 -8.64 6.46
N SER B 59 -4.67 -8.93 5.17
CA SER B 59 -5.26 -8.06 4.12
C SER B 59 -6.78 -8.01 4.27
N GLN B 60 -7.38 -9.07 4.84
CA GLN B 60 -8.82 -9.07 5.07
C GLN B 60 -9.23 -8.46 6.44
N GLY B 61 -8.27 -7.95 7.20
CA GLY B 61 -8.54 -7.35 8.51
C GLY B 61 -8.54 -8.31 9.69
N ALA B 62 -8.08 -9.55 9.53
CA ALA B 62 -8.20 -10.56 10.57
C ALA B 62 -7.53 -10.14 11.89
N HIS B 63 -6.41 -9.47 11.78
CA HIS B 63 -5.62 -9.04 12.94
C HIS B 63 -6.32 -8.03 13.83
N GLN B 64 -7.32 -7.35 13.28
CA GLN B 64 -8.02 -6.32 14.00
C GLN B 64 -8.76 -6.83 15.22
N ALA B 65 -9.33 -8.04 15.12
CA ALA B 65 -10.01 -8.65 16.27
C ALA B 65 -9.03 -9.23 17.32
N GLY B 66 -7.78 -9.48 16.89
CA GLY B 66 -6.75 -10.02 17.77
C GLY B 66 -6.58 -11.53 17.68
N LEU B 67 -7.50 -12.18 17.00
CA LEU B 67 -7.60 -13.63 16.94
C LEU B 67 -8.42 -13.98 15.70
N ALA B 68 -8.02 -15.02 14.99
CA ALA B 68 -8.78 -15.57 13.88
C ALA B 68 -8.82 -17.08 14.00
N LYS B 69 -9.87 -17.71 13.52
CA LYS B 69 -9.94 -19.15 13.43
C LYS B 69 -9.69 -19.57 11.96
N VAL B 70 -8.97 -20.66 11.78
CA VAL B 70 -8.76 -21.24 10.45
C VAL B 70 -9.17 -22.68 10.51
N ILE B 71 -10.10 -23.03 9.62
CA ILE B 71 -10.57 -24.39 9.48
C ILE B 71 -9.87 -25.00 8.27
N PRO B 72 -9.06 -26.04 8.49
CA PRO B 72 -8.31 -26.62 7.37
C PRO B 72 -9.24 -27.28 6.36
N PRO B 73 -8.78 -27.48 5.12
CA PRO B 73 -9.55 -28.21 4.10
C PRO B 73 -9.85 -29.64 4.56
N LYS B 74 -10.92 -30.22 4.00
CA LYS B 74 -11.41 -31.55 4.38
C LYS B 74 -10.35 -32.62 4.25
N GLU B 75 -9.57 -32.56 3.17
CA GLU B 75 -8.58 -33.60 2.87
C GLU B 75 -7.41 -33.63 3.87
N TRP B 76 -7.15 -32.49 4.51
CA TRP B 76 -5.95 -32.32 5.32
C TRP B 76 -6.05 -32.97 6.69
N LYS B 77 -4.93 -33.56 7.12
CA LYS B 77 -4.78 -34.15 8.46
C LYS B 77 -3.47 -33.73 9.12
N ALA B 78 -3.51 -33.51 10.44
CA ALA B 78 -2.30 -33.28 11.23
C ALA B 78 -1.49 -34.56 11.33
N ARG B 79 -2.21 -35.66 11.57
CA ARG B 79 -1.64 -37.01 11.56
C ARG B 79 -2.71 -38.06 11.33
N GLN B 80 -2.27 -39.27 10.96
CA GLN B 80 -3.20 -40.35 10.59
C GLN B 80 -4.05 -40.81 11.78
N MET B 81 -3.39 -41.15 12.88
CA MET B 81 -4.06 -41.72 14.05
C MET B 81 -3.45 -41.17 15.35
N TYR B 82 -4.27 -40.96 16.38
CA TYR B 82 -3.75 -40.59 17.70
C TYR B 82 -3.82 -41.76 18.71
N ASP B 83 -3.50 -42.97 18.26
CA ASP B 83 -3.73 -44.18 19.07
C ASP B 83 -2.51 -44.71 19.83
N ASP B 84 -1.53 -43.84 20.00
CA ASP B 84 -0.21 -44.23 20.48
C ASP B 84 0.38 -43.18 21.42
N ILE B 85 -0.49 -42.51 22.16
CA ILE B 85 -0.10 -41.34 22.93
C ILE B 85 -0.29 -41.49 24.47
N GLU B 86 -0.76 -42.66 24.92
CA GLU B 86 -1.05 -42.87 26.33
C GLU B 86 0.20 -42.87 27.22
N ASP B 87 1.32 -43.25 26.64
CA ASP B 87 2.58 -43.31 27.35
C ASP B 87 3.39 -42.00 27.31
N ILE B 88 2.90 -40.98 26.60
CA ILE B 88 3.60 -39.72 26.57
C ILE B 88 3.72 -39.23 28.01
N LEU B 89 4.89 -38.71 28.35
CA LEU B 89 5.18 -38.23 29.70
C LEU B 89 4.82 -36.77 29.83
N ILE B 90 4.12 -36.45 30.92
CA ILE B 90 3.89 -35.11 31.39
C ILE B 90 4.81 -34.89 32.59
N ALA B 91 5.97 -34.32 32.34
CA ALA B 91 7.01 -34.21 33.38
C ALA B 91 6.55 -33.42 34.61
N THR B 92 5.80 -32.36 34.38
CA THR B 92 5.38 -31.45 35.47
C THR B 92 3.95 -30.95 35.28
N PRO B 93 2.95 -31.77 35.61
CA PRO B 93 1.57 -31.29 35.56
C PRO B 93 1.40 -30.13 36.55
N LEU B 94 0.57 -29.14 36.21
CA LEU B 94 0.41 -27.99 37.05
C LEU B 94 -0.99 -27.91 37.67
N GLN B 95 -1.07 -27.88 39.00
CA GLN B 95 -2.36 -27.69 39.67
C GLN B 95 -2.68 -26.20 39.76
N GLN B 96 -3.84 -25.81 39.25
CA GLN B 96 -4.15 -24.38 39.12
C GLN B 96 -5.06 -23.95 40.25
N VAL B 97 -4.52 -23.16 41.16
CA VAL B 97 -5.29 -22.69 42.30
C VAL B 97 -5.67 -21.23 42.07
N THR B 98 -6.98 -20.98 42.08
CA THR B 98 -7.51 -19.63 41.89
C THR B 98 -7.95 -19.06 43.21
N SER B 99 -7.81 -17.75 43.36
CA SER B 99 -8.39 -17.06 44.50
C SER B 99 -8.91 -15.70 44.03
N GLY B 100 -9.95 -15.23 44.70
CA GLY B 100 -10.60 -13.97 44.38
C GLY B 100 -12.11 -14.09 44.43
N GLN B 101 -12.78 -13.06 43.93
CA GLN B 101 -14.23 -12.98 43.93
C GLN B 101 -14.72 -12.07 42.83
N GLY B 102 -15.99 -12.18 42.49
CA GLY B 102 -16.62 -11.25 41.57
C GLY B 102 -15.96 -11.11 40.21
N GLY B 103 -15.56 -12.23 39.63
CA GLY B 103 -14.99 -12.26 38.29
C GLY B 103 -13.58 -11.73 38.18
N VAL B 104 -12.92 -11.48 39.32
CA VAL B 104 -11.54 -11.01 39.36
C VAL B 104 -10.73 -11.99 40.20
N PHE B 105 -9.85 -12.73 39.56
CA PHE B 105 -9.10 -13.78 40.24
C PHE B 105 -7.63 -13.77 39.89
N THR B 106 -6.84 -14.24 40.86
CA THR B 106 -5.42 -14.54 40.67
C THR B 106 -5.30 -16.03 40.52
N GLN B 107 -4.44 -16.46 39.63
CA GLN B 107 -4.22 -17.88 39.43
C GLN B 107 -2.79 -18.21 39.77
N TYR B 108 -2.62 -19.30 40.50
CA TYR B 108 -1.33 -19.75 40.95
C TYR B 108 -1.16 -21.22 40.53
N HIS B 109 0.06 -21.61 40.17
CA HIS B 109 0.36 -22.96 39.66
C HIS B 109 1.24 -23.73 40.59
N LYS B 110 0.80 -24.91 41.00
CA LYS B 110 1.62 -25.80 41.82
C LYS B 110 2.12 -26.98 41.00
N LYS B 111 3.43 -27.23 41.05
CA LYS B 111 4.02 -28.34 40.30
C LYS B 111 3.70 -29.65 40.99
N LYS B 112 3.18 -30.61 40.24
CA LYS B 112 2.88 -31.94 40.75
C LYS B 112 3.86 -32.91 40.13
N LYS B 113 3.85 -34.13 40.62
CA LYS B 113 4.75 -35.16 40.15
C LYS B 113 4.38 -35.59 38.74
N ALA B 114 5.35 -36.16 38.04
CA ALA B 114 5.15 -36.67 36.69
C ALA B 114 4.05 -37.73 36.57
N MET B 115 3.50 -37.81 35.37
CA MET B 115 2.31 -38.61 35.08
C MET B 115 2.39 -38.96 33.60
N ARG B 116 1.72 -40.01 33.16
CA ARG B 116 1.57 -40.28 31.75
C ARG B 116 0.24 -39.73 31.26
N VAL B 117 0.11 -39.55 29.95
CA VAL B 117 -1.13 -39.03 29.35
C VAL B 117 -2.32 -39.93 29.69
N GLY B 118 -2.12 -41.25 29.64
CA GLY B 118 -3.18 -42.18 30.02
C GLY B 118 -3.71 -41.95 31.43
N GLN B 119 -2.82 -41.72 32.38
CA GLN B 119 -3.23 -41.41 33.77
C GLN B 119 -3.96 -40.08 33.81
N TYR B 120 -3.43 -39.12 33.05
CA TYR B 120 -4.02 -37.81 33.02
C TYR B 120 -5.44 -37.85 32.45
N ARG B 121 -5.60 -38.56 31.33
CA ARG B 121 -6.92 -38.78 30.74
C ARG B 121 -7.88 -39.38 31.76
N ARG B 122 -7.44 -40.44 32.44
CA ARG B 122 -8.33 -41.04 33.44
C ARG B 122 -8.66 -40.07 34.57
N LEU B 123 -7.68 -39.27 34.97
CA LEU B 123 -7.92 -38.26 35.99
C LEU B 123 -8.94 -37.24 35.50
N ALA B 124 -8.76 -36.73 34.27
CA ALA B 124 -9.67 -35.74 33.67
C ALA B 124 -11.13 -36.20 33.65
N ASN B 125 -11.32 -37.48 33.35
CA ASN B 125 -12.65 -38.04 33.20
C ASN B 125 -13.21 -38.60 34.49
N SER B 126 -12.46 -38.52 35.58
CA SER B 126 -12.95 -38.97 36.89
C SER B 126 -14.03 -38.04 37.44
N LYS B 127 -14.76 -38.53 38.43
CA LYS B 127 -15.89 -37.79 38.99
C LYS B 127 -15.44 -36.45 39.54
N LYS B 128 -14.30 -36.44 40.24
CA LYS B 128 -13.81 -35.19 40.83
C LYS B 128 -13.49 -34.11 39.81
N TYR B 129 -13.03 -34.49 38.62
CA TYR B 129 -12.51 -33.51 37.66
C TYR B 129 -13.34 -33.32 36.39
N GLN B 130 -14.29 -34.20 36.14
CA GLN B 130 -15.05 -34.21 34.88
CA GLN B 130 -15.04 -34.21 34.87
C GLN B 130 -15.82 -32.92 34.66
N THR B 131 -16.13 -32.65 33.39
CA THR B 131 -17.00 -31.55 32.99
C THR B 131 -18.34 -31.75 33.67
N PRO B 132 -18.91 -30.68 34.26
CA PRO B 132 -20.25 -30.80 34.81
C PRO B 132 -21.25 -30.89 33.69
N PRO B 133 -22.48 -31.34 33.99
CA PRO B 133 -23.55 -31.41 32.99
C PRO B 133 -23.98 -30.00 32.62
N HIS B 134 -24.27 -29.80 31.34
CA HIS B 134 -24.56 -28.47 30.81
C HIS B 134 -25.49 -28.57 29.61
N GLN B 135 -26.38 -27.59 29.49
CA GLN B 135 -27.33 -27.55 28.40
C GLN B 135 -26.69 -27.11 27.09
N ASN B 136 -25.69 -26.24 27.18
CA ASN B 136 -25.07 -25.63 26.02
C ASN B 136 -23.83 -24.86 26.45
N PHE B 137 -23.20 -24.17 25.51
CA PHE B 137 -22.02 -23.40 25.82
C PHE B 137 -22.27 -22.32 26.87
N ALA B 138 -23.29 -21.50 26.63
CA ALA B 138 -23.63 -20.42 27.54
C ALA B 138 -23.73 -20.99 28.95
N ASP B 139 -24.43 -22.11 29.07
CA ASP B 139 -24.61 -22.77 30.36
C ASP B 139 -23.23 -23.14 30.93
N LEU B 140 -22.38 -23.74 30.09
CA LEU B 140 -21.05 -24.18 30.53
C LEU B 140 -20.16 -23.02 30.91
N GLU B 141 -20.20 -21.96 30.10
CA GLU B 141 -19.42 -20.76 30.33
C GLU B 141 -19.80 -20.10 31.65
N GLN B 142 -21.10 -20.03 31.94
CA GLN B 142 -21.58 -19.50 33.22
C GLN B 142 -21.10 -20.34 34.38
N ARG B 143 -21.17 -21.67 34.23
CA ARG B 143 -20.62 -22.60 35.22
C ARG B 143 -19.11 -22.45 35.43
N TYR B 144 -18.37 -22.22 34.35
CA TYR B 144 -16.95 -22.01 34.45
C TYR B 144 -16.67 -20.81 35.32
N TRP B 145 -17.29 -19.68 35.00
CA TRP B 145 -17.06 -18.43 35.76
C TRP B 145 -17.63 -18.47 37.18
N LYS B 146 -18.72 -19.19 37.37
CA LYS B 146 -19.28 -19.38 38.70
C LYS B 146 -18.49 -20.39 39.52
N SER B 147 -17.62 -21.19 38.89
CA SER B 147 -16.89 -22.25 39.59
C SER B 147 -15.64 -21.78 40.34
N HIS B 148 -15.21 -20.54 40.12
CA HIS B 148 -14.01 -20.04 40.78
C HIS B 148 -14.34 -19.45 42.14
N PRO B 149 -13.50 -19.72 43.16
CA PRO B 149 -12.31 -20.57 43.21
C PRO B 149 -12.51 -22.08 42.99
N GLY B 150 -13.31 -22.74 43.80
CA GLY B 150 -13.60 -24.18 43.63
C GLY B 150 -12.43 -25.14 43.53
N ASN B 151 -12.72 -26.35 43.07
CA ASN B 151 -11.74 -27.43 42.98
C ASN B 151 -10.65 -27.16 41.95
N PRO B 152 -9.37 -27.12 42.38
CA PRO B 152 -8.31 -26.78 41.43
C PRO B 152 -8.02 -27.90 40.41
N PRO B 153 -8.14 -27.60 39.12
CA PRO B 153 -7.90 -28.62 38.12
C PRO B 153 -6.40 -28.79 37.90
N ILE B 154 -6.00 -29.81 37.14
CA ILE B 154 -4.60 -30.06 36.86
C ILE B 154 -4.38 -29.91 35.37
N TYR B 155 -3.40 -29.10 35.00
CA TYR B 155 -3.17 -28.80 33.59
C TYR B 155 -1.86 -29.40 33.12
N GLY B 156 -1.92 -30.25 32.12
CA GLY B 156 -0.70 -30.82 31.49
C GLY B 156 -0.14 -29.85 30.47
N ALA B 157 0.32 -28.69 30.95
CA ALA B 157 0.72 -27.58 30.10
C ALA B 157 2.21 -27.62 29.79
N ASP B 158 2.62 -26.92 28.73
CA ASP B 158 4.01 -26.64 28.47
C ASP B 158 4.87 -27.87 28.30
N ILE B 159 4.33 -28.86 27.59
CA ILE B 159 5.08 -30.06 27.29
C ILE B 159 5.81 -29.88 25.97
N SER B 160 7.13 -29.98 25.99
CA SER B 160 7.92 -29.85 24.78
C SER B 160 7.61 -31.03 23.88
N GLY B 161 7.11 -30.77 22.68
CA GLY B 161 6.80 -31.85 21.74
C GLY B 161 5.76 -31.46 20.70
N SER B 162 5.53 -32.37 19.75
CA SER B 162 4.57 -32.15 18.68
C SER B 162 3.90 -33.44 18.33
N LEU B 163 2.63 -33.38 17.95
CA LEU B 163 1.90 -34.56 17.48
C LEU B 163 1.70 -34.53 15.96
N PHE B 164 2.25 -33.52 15.29
CA PHE B 164 2.21 -33.53 13.83
C PHE B 164 3.20 -34.58 13.32
N GLU B 165 2.85 -35.24 12.22
CA GLU B 165 3.79 -36.10 11.51
C GLU B 165 4.55 -35.30 10.48
N GLU B 166 5.75 -35.76 10.14
CA GLU B 166 6.55 -35.16 9.09
C GLU B 166 5.87 -35.20 7.73
N SER B 167 5.04 -36.23 7.55
CA SER B 167 4.22 -36.36 6.34
C SER B 167 3.26 -35.16 6.11
N THR B 168 2.84 -34.47 7.17
CA THR B 168 1.97 -33.29 7.04
C THR B 168 2.79 -32.09 6.59
N LYS B 169 2.59 -31.69 5.34
CA LYS B 169 3.40 -30.66 4.72
C LYS B 169 2.74 -29.28 4.64
N GLN B 170 1.49 -29.13 5.08
CA GLN B 170 0.80 -27.80 5.19
C GLN B 170 0.59 -27.66 6.69
N TRP B 171 1.06 -26.57 7.29
CA TRP B 171 0.43 -25.90 8.42
C TRP B 171 0.89 -26.87 9.56
N ASN B 172 2.08 -27.45 9.38
CA ASN B 172 2.75 -28.24 10.39
C ASN B 172 3.43 -27.27 11.33
N LEU B 173 2.99 -27.28 12.59
CA LEU B 173 3.47 -26.33 13.61
C LEU B 173 4.97 -26.39 13.88
N GLY B 174 5.59 -27.52 13.53
CA GLY B 174 7.05 -27.63 13.65
C GLY B 174 7.82 -26.96 12.54
N HIS B 175 7.14 -26.57 11.45
CA HIS B 175 7.82 -26.13 10.22
C HIS B 175 7.00 -25.10 9.47
N LEU B 176 6.58 -24.05 10.17
CA LEU B 176 5.78 -22.98 9.57
C LEU B 176 6.60 -22.12 8.59
N GLY B 177 7.91 -22.09 8.77
CA GLY B 177 8.81 -21.39 7.83
C GLY B 177 8.69 -19.88 7.82
N THR B 178 8.34 -19.29 8.95
CA THR B 178 8.27 -17.84 9.05
C THR B 178 9.64 -17.27 9.43
N ILE B 179 9.75 -15.96 9.44
CA ILE B 179 11.00 -15.30 9.77
C ILE B 179 11.39 -15.52 11.25
N LEU B 180 10.51 -16.07 12.08
CA LEU B 180 10.97 -16.46 13.44
C LEU B 180 12.08 -17.47 13.36
N ASP B 181 12.16 -18.22 12.27
CA ASP B 181 13.26 -19.19 12.08
C ASP B 181 14.64 -18.56 12.10
N LEU B 182 14.70 -17.26 11.80
CA LEU B 182 15.98 -16.55 11.86
C LEU B 182 16.63 -16.55 13.27
N LEU B 183 15.83 -16.71 14.33
CA LEU B 183 16.32 -16.69 15.70
C LEU B 183 17.30 -17.83 15.90
N GLU B 184 16.84 -19.02 15.59
CA GLU B 184 17.68 -20.20 15.68
C GLU B 184 18.78 -20.18 14.63
N GLN B 185 18.39 -19.87 13.41
CA GLN B 185 19.27 -19.98 12.27
C GLN B 185 20.46 -19.02 12.36
N GLU B 186 20.22 -17.78 12.80
CA GLU B 186 21.30 -16.78 12.87
C GLU B 186 21.96 -16.64 14.25
N CYS B 187 21.19 -16.82 15.33
CA CYS B 187 21.74 -16.60 16.66
C CYS B 187 21.93 -17.87 17.44
N GLY B 188 21.40 -18.97 16.93
CA GLY B 188 21.50 -20.27 17.61
C GLY B 188 20.62 -20.37 18.84
N VAL B 189 19.62 -19.49 18.96
CA VAL B 189 18.80 -19.40 20.18
C VAL B 189 17.55 -20.28 20.05
N VAL B 190 17.38 -21.15 21.02
CA VAL B 190 16.25 -22.08 21.07
C VAL B 190 15.51 -21.78 22.35
N ILE B 191 14.23 -21.44 22.24
CA ILE B 191 13.37 -21.16 23.40
C ILE B 191 12.16 -22.07 23.28
N GLU B 192 12.12 -23.10 24.13
CA GLU B 192 11.07 -24.10 24.02
C GLU B 192 9.71 -23.48 24.20
N GLY B 193 8.78 -23.84 23.33
CA GLY B 193 7.44 -23.27 23.42
C GLY B 193 7.31 -21.97 22.61
N VAL B 194 8.42 -21.33 22.26
CA VAL B 194 8.37 -20.10 21.48
C VAL B 194 8.77 -20.40 20.04
N ASN B 195 9.99 -20.87 19.83
CA ASN B 195 10.36 -21.37 18.49
C ASN B 195 10.49 -22.88 18.45
N THR B 196 9.97 -23.55 19.49
CA THR B 196 9.67 -24.94 19.39
C THR B 196 8.26 -25.18 19.97
N PRO B 197 7.59 -26.25 19.56
CA PRO B 197 6.19 -26.40 19.94
C PRO B 197 5.95 -27.00 21.34
N TYR B 198 4.86 -26.57 21.95
CA TYR B 198 4.41 -27.11 23.21
C TYR B 198 3.12 -27.84 22.97
N LEU B 199 2.94 -28.92 23.72
CA LEU B 199 1.66 -29.61 23.82
C LEU B 199 0.97 -29.22 25.12
N TYR B 200 -0.36 -29.13 25.05
CA TYR B 200 -1.21 -28.86 26.24
C TYR B 200 -2.29 -29.91 26.39
N PHE B 201 -2.15 -30.76 27.39
CA PHE B 201 -3.21 -31.71 27.72
C PHE B 201 -4.07 -31.07 28.80
N GLY B 202 -5.34 -30.84 28.49
CA GLY B 202 -6.24 -30.08 29.34
C GLY B 202 -7.31 -30.96 29.98
N MET B 203 -8.02 -30.36 30.93
CA MET B 203 -9.22 -30.97 31.52
C MET B 203 -10.17 -29.83 31.86
N TRP B 204 -11.39 -30.18 32.27
CA TRP B 204 -12.40 -29.18 32.60
C TRP B 204 -11.80 -28.12 33.53
N LYS B 205 -12.03 -26.86 33.17
CA LYS B 205 -11.72 -25.71 34.03
C LYS B 205 -10.24 -25.27 33.95
N THR B 206 -9.38 -26.02 33.26
CA THR B 206 -8.00 -25.59 33.12
C THR B 206 -8.00 -24.30 32.29
N THR B 207 -7.17 -23.35 32.67
CA THR B 207 -7.25 -22.05 32.06
C THR B 207 -5.91 -21.45 31.65
N PHE B 208 -5.94 -20.61 30.64
CA PHE B 208 -4.84 -19.70 30.36
C PHE B 208 -5.34 -18.29 30.69
N ALA B 209 -4.67 -17.65 31.66
CA ALA B 209 -5.05 -16.32 32.13
C ALA B 209 -4.65 -15.30 31.08
N TRP B 210 -5.14 -14.07 31.25
CA TRP B 210 -4.90 -12.97 30.28
C TRP B 210 -3.40 -12.76 30.04
N HIS B 211 -3.00 -12.69 28.78
CA HIS B 211 -1.59 -12.50 28.45
C HIS B 211 -1.43 -12.11 26.99
N THR B 212 -0.27 -11.60 26.63
CA THR B 212 0.15 -11.51 25.24
C THR B 212 1.41 -12.39 25.16
N GLU B 213 1.87 -12.63 23.94
CA GLU B 213 2.98 -13.56 23.71
C GLU B 213 4.33 -12.92 23.98
N ASP B 214 5.33 -13.73 24.20
CA ASP B 214 6.70 -13.20 24.36
C ASP B 214 7.15 -12.42 23.12
N MET B 215 7.77 -11.26 23.33
CA MET B 215 8.19 -10.35 22.26
C MET B 215 7.04 -9.93 21.33
N ASP B 216 5.80 -9.94 21.83
CA ASP B 216 4.59 -9.60 21.06
C ASP B 216 4.47 -10.37 19.75
N LEU B 217 5.00 -11.58 19.77
CA LEU B 217 4.93 -12.48 18.63
C LEU B 217 3.52 -12.95 18.38
N TYR B 218 3.27 -13.46 17.18
CA TYR B 218 2.02 -14.14 16.87
C TYR B 218 2.08 -15.49 17.60
N SER B 219 0.94 -16.17 17.74
CA SER B 219 0.93 -17.58 18.03
C SER B 219 -0.10 -18.29 17.17
N ILE B 220 0.09 -19.61 17.06
CA ILE B 220 -0.87 -20.48 16.41
C ILE B 220 -1.10 -21.71 17.29
N ASN B 221 -2.38 -22.07 17.45
CA ASN B 221 -2.81 -23.14 18.36
CA ASN B 221 -2.80 -23.10 18.34
C ASN B 221 -3.70 -24.08 17.57
N TYR B 222 -3.36 -25.37 17.59
CA TYR B 222 -4.16 -26.37 16.92
C TYR B 222 -4.69 -27.36 17.95
N LEU B 223 -6.00 -27.61 17.93
CA LEU B 223 -6.61 -28.53 18.87
C LEU B 223 -6.65 -29.91 18.20
N HIS B 224 -5.73 -30.76 18.56
CA HIS B 224 -5.60 -32.09 17.95
C HIS B 224 -6.83 -32.95 18.17
N PHE B 225 -7.30 -33.02 19.41
CA PHE B 225 -8.49 -33.84 19.73
C PHE B 225 -9.08 -33.44 21.08
N GLY B 226 -10.27 -33.94 21.35
CA GLY B 226 -10.92 -33.81 22.66
C GLY B 226 -11.95 -32.72 22.70
N GLU B 227 -12.23 -32.24 23.91
CA GLU B 227 -13.29 -31.24 24.14
C GLU B 227 -12.83 -29.85 23.75
N PRO B 228 -13.76 -28.90 23.59
CA PRO B 228 -13.36 -27.61 23.07
C PRO B 228 -12.48 -26.78 24.00
N LYS B 229 -11.97 -25.70 23.45
CA LYS B 229 -11.21 -24.70 24.18
C LYS B 229 -11.86 -23.38 23.82
N THR B 230 -12.27 -22.61 24.85
CA THR B 230 -12.92 -21.33 24.64
C THR B 230 -11.92 -20.20 24.84
N TRP B 231 -11.95 -19.25 23.91
CA TRP B 231 -11.01 -18.13 23.86
C TRP B 231 -11.73 -16.82 24.03
N TYR B 232 -11.11 -15.92 24.79
CA TYR B 232 -11.53 -14.55 24.90
C TYR B 232 -10.36 -13.73 24.40
N VAL B 233 -10.63 -12.68 23.62
CA VAL B 233 -9.60 -11.80 23.12
C VAL B 233 -10.08 -10.33 23.16
N VAL B 234 -9.16 -9.45 23.54
CA VAL B 234 -9.38 -8.02 23.46
C VAL B 234 -8.68 -7.49 22.20
N PRO B 235 -9.43 -6.79 21.32
CA PRO B 235 -8.83 -6.23 20.11
C PRO B 235 -7.58 -5.41 20.45
N PRO B 236 -6.53 -5.51 19.63
CA PRO B 236 -5.30 -4.78 19.88
C PRO B 236 -5.47 -3.27 20.13
N GLU B 237 -6.40 -2.65 19.42
CA GLU B 237 -6.71 -1.24 19.62
C GLU B 237 -7.08 -0.95 21.08
N HIS B 238 -7.59 -1.94 21.80
CA HIS B 238 -8.11 -1.71 23.14
C HIS B 238 -7.27 -2.33 24.24
N GLY B 239 -6.09 -2.83 23.87
CA GLY B 239 -5.18 -3.45 24.82
C GLY B 239 -4.81 -2.57 26.01
N GLN B 240 -4.53 -1.30 25.74
CA GLN B 240 -4.10 -0.36 26.78
C GLN B 240 -5.22 -0.21 27.80
N HIS B 241 -6.47 -0.16 27.34
CA HIS B 241 -7.61 -0.06 28.23
C HIS B 241 -7.65 -1.27 29.17
N LEU B 242 -7.43 -2.48 28.61
CA LEU B 242 -7.41 -3.70 29.43
C LEU B 242 -6.33 -3.58 30.49
N GLU B 243 -5.15 -3.10 30.08
CA GLU B 243 -4.00 -2.92 30.99
C GLU B 243 -4.32 -1.96 32.14
N ARG B 244 -5.03 -0.88 31.84
CA ARG B 244 -5.40 0.07 32.88
C ARG B 244 -6.37 -0.58 33.87
N LEU B 245 -7.42 -1.22 33.34
CA LEU B 245 -8.38 -1.93 34.18
C LEU B 245 -7.68 -2.94 35.05
N ALA B 246 -6.69 -3.63 34.48
CA ALA B 246 -5.99 -4.67 35.21
C ALA B 246 -5.17 -4.10 36.38
N ARG B 247 -4.49 -2.97 36.15
CA ARG B 247 -3.75 -2.28 37.21
C ARG B 247 -4.68 -1.88 38.37
N GLU B 248 -5.86 -1.37 38.03
CA GLU B 248 -6.88 -1.05 39.03
C GLU B 248 -7.32 -2.30 39.82
N LEU B 249 -7.59 -3.38 39.10
CA LEU B 249 -8.15 -4.58 39.71
C LEU B 249 -7.15 -5.41 40.50
N PHE B 250 -5.86 -5.29 40.18
CA PHE B 250 -4.80 -6.03 40.85
C PHE B 250 -3.70 -5.09 41.36
N PRO B 251 -4.01 -4.27 42.39
CA PRO B 251 -3.06 -3.26 42.83
C PRO B 251 -1.72 -3.82 43.30
N ASP B 252 -1.78 -4.82 44.17
CA ASP B 252 -0.58 -5.45 44.72
C ASP B 252 0.32 -6.01 43.62
N LEU B 261 0.77 -8.92 32.90
CA LEU B 261 -0.16 -9.76 32.17
C LEU B 261 0.56 -10.86 31.40
N ARG B 262 1.55 -10.51 30.59
CA ARG B 262 2.40 -11.53 29.96
C ARG B 262 2.80 -12.59 30.99
N HIS B 263 2.81 -12.22 32.27
CA HIS B 263 3.00 -13.18 33.37
C HIS B 263 1.91 -14.27 33.46
N LYS B 264 0.75 -14.05 32.85
CA LYS B 264 -0.32 -15.06 32.74
C LYS B 264 -0.94 -15.45 34.10
N VAL B 265 -1.22 -14.45 34.94
CA VAL B 265 -1.73 -14.69 36.32
C VAL B 265 -3.12 -14.11 36.61
N ALA B 266 -3.57 -13.14 35.80
CA ALA B 266 -4.84 -12.45 36.06
C ALA B 266 -5.99 -13.04 35.27
N LEU B 267 -7.08 -13.35 35.97
CA LEU B 267 -8.33 -13.72 35.34
C LEU B 267 -9.35 -12.63 35.55
N ILE B 268 -9.97 -12.18 34.46
CA ILE B 268 -11.02 -11.18 34.51
C ILE B 268 -12.21 -11.66 33.66
N SER B 269 -13.38 -11.75 34.29
CA SER B 269 -14.54 -12.33 33.64
C SER B 269 -15.08 -11.39 32.55
N PRO B 270 -15.88 -11.94 31.62
CA PRO B 270 -16.52 -11.19 30.58
C PRO B 270 -17.46 -10.11 31.13
N THR B 271 -18.14 -10.42 32.23
CA THR B 271 -19.02 -9.47 32.87
C THR B 271 -18.24 -8.27 33.35
N VAL B 272 -17.10 -8.52 34.00
CA VAL B 272 -16.28 -7.41 34.49
C VAL B 272 -15.75 -6.56 33.33
N LEU B 273 -15.40 -7.20 32.23
CA LEU B 273 -14.95 -6.50 31.03
C LEU B 273 -16.07 -5.61 30.48
N LYS B 274 -17.26 -6.19 30.35
CA LYS B 274 -18.42 -5.45 29.87
C LYS B 274 -18.75 -4.29 30.82
N GLU B 275 -18.78 -4.58 32.12
CA GLU B 275 -19.04 -3.55 33.13
C GLU B 275 -18.07 -2.38 33.04
N ASN B 276 -16.85 -2.60 32.59
CA ASN B 276 -15.85 -1.53 32.50
C ASN B 276 -15.64 -1.07 31.08
N GLY B 277 -16.53 -1.50 30.19
CA GLY B 277 -16.52 -1.03 28.80
C GLY B 277 -15.27 -1.38 28.04
N ILE B 278 -14.80 -2.60 28.19
CA ILE B 278 -13.68 -3.13 27.42
C ILE B 278 -14.25 -4.06 26.37
N PRO B 279 -14.04 -3.75 25.08
CA PRO B 279 -14.55 -4.64 24.05
C PRO B 279 -13.77 -5.94 24.03
N PHE B 280 -14.47 -7.04 23.81
CA PHE B 280 -13.81 -8.31 23.67
C PHE B 280 -14.64 -9.20 22.78
N ASN B 281 -14.02 -10.27 22.30
CA ASN B 281 -14.71 -11.28 21.56
C ASN B 281 -14.47 -12.62 22.20
N CYS B 282 -15.42 -13.53 22.01
CA CYS B 282 -15.39 -14.87 22.52
C CYS B 282 -15.62 -15.84 21.36
N MET B 283 -14.77 -16.84 21.23
CA MET B 283 -14.85 -17.82 20.17
C MET B 283 -14.45 -19.19 20.75
N THR B 284 -15.23 -20.23 20.49
CA THR B 284 -14.87 -21.55 20.92
C THR B 284 -14.21 -22.30 19.79
N GLN B 285 -13.10 -22.92 20.12
CA GLN B 285 -12.31 -23.73 19.18
C GLN B 285 -12.62 -25.20 19.42
N GLU B 286 -12.90 -25.94 18.36
CA GLU B 286 -13.18 -27.37 18.46
C GLU B 286 -12.09 -28.16 17.77
N ALA B 287 -12.05 -29.45 18.06
CA ALA B 287 -10.99 -30.30 17.55
C ALA B 287 -10.85 -30.13 16.04
N GLY B 288 -9.62 -30.03 15.56
CA GLY B 288 -9.34 -29.92 14.13
C GLY B 288 -9.30 -28.49 13.62
N GLU B 289 -9.36 -27.52 14.53
CA GLU B 289 -9.39 -26.11 14.15
C GLU B 289 -8.15 -25.39 14.66
N PHE B 290 -7.66 -24.43 13.89
CA PHE B 290 -6.54 -23.59 14.29
C PHE B 290 -7.07 -22.28 14.82
N MET B 291 -6.36 -21.74 15.83
CA MET B 291 -6.58 -20.36 16.29
C MET B 291 -5.26 -19.60 16.17
N VAL B 292 -5.29 -18.45 15.49
CA VAL B 292 -4.14 -17.59 15.33
C VAL B 292 -4.34 -16.34 16.17
N THR B 293 -3.35 -16.00 16.99
CA THR B 293 -3.32 -14.74 17.73
C THR B 293 -2.32 -13.77 17.12
N PHE B 294 -2.65 -12.48 17.16
CA PHE B 294 -1.85 -11.46 16.55
C PHE B 294 -1.13 -10.58 17.58
N PRO B 295 -0.08 -9.90 17.16
CA PRO B 295 0.58 -8.98 18.09
C PRO B 295 -0.38 -7.97 18.78
N TYR B 296 -0.04 -7.64 20.02
CA TYR B 296 -0.87 -6.83 20.92
C TYR B 296 -2.27 -7.39 21.19
N GLY B 297 -2.53 -8.65 20.85
CA GLY B 297 -3.84 -9.23 21.10
C GLY B 297 -3.85 -9.96 22.42
N TYR B 298 -4.35 -9.32 23.48
CA TYR B 298 -4.49 -10.03 24.77
C TYR B 298 -5.50 -11.18 24.67
N HIS B 299 -5.15 -12.34 25.20
CA HIS B 299 -6.13 -13.43 25.20
C HIS B 299 -6.14 -14.25 26.47
N ALA B 300 -7.27 -14.93 26.70
CA ALA B 300 -7.43 -15.80 27.84
C ALA B 300 -8.47 -16.85 27.47
N GLY B 301 -8.59 -17.91 28.26
CA GLY B 301 -9.61 -18.90 27.95
C GLY B 301 -9.56 -20.12 28.85
N PHE B 302 -10.35 -21.13 28.49
CA PHE B 302 -10.40 -22.33 29.27
C PHE B 302 -10.79 -23.57 28.44
N ASN B 303 -10.49 -24.76 28.99
CA ASN B 303 -10.81 -26.03 28.37
C ASN B 303 -12.12 -26.61 28.92
N HIS B 304 -12.89 -27.22 28.04
CA HIS B 304 -14.22 -27.73 28.38
C HIS B 304 -14.13 -29.11 29.04
N GLY B 305 -13.02 -29.81 28.82
CA GLY B 305 -12.85 -31.21 29.22
C GLY B 305 -11.52 -31.70 28.70
N PHE B 306 -11.31 -33.01 28.75
CA PHE B 306 -10.06 -33.59 28.30
C PHE B 306 -9.81 -33.26 26.84
N ASN B 307 -8.61 -32.75 26.58
CA ASN B 307 -8.24 -32.37 25.22
C ASN B 307 -6.74 -32.24 25.08
N CYS B 308 -6.30 -32.05 23.85
CA CYS B 308 -4.89 -31.94 23.51
C CYS B 308 -4.68 -30.86 22.44
N ALA B 309 -3.94 -29.80 22.79
CA ALA B 309 -3.65 -28.72 21.88
C ALA B 309 -2.15 -28.62 21.71
N GLU B 310 -1.75 -28.07 20.57
CA GLU B 310 -0.35 -27.82 20.25
C GLU B 310 -0.22 -26.42 19.82
N ALA B 311 0.85 -25.75 20.28
CA ALA B 311 1.04 -24.33 19.99
C ALA B 311 2.50 -23.92 19.83
N ILE B 312 2.74 -22.90 19.00
CA ILE B 312 4.07 -22.35 18.81
C ILE B 312 3.88 -20.87 18.45
N ASN B 313 4.90 -20.06 18.69
CA ASN B 313 4.89 -18.71 18.20
C ASN B 313 5.42 -18.65 16.77
N PHE B 314 5.14 -17.53 16.11
CA PHE B 314 5.66 -17.30 14.79
C PHE B 314 5.75 -15.77 14.57
N ALA B 315 6.41 -15.38 13.49
CA ALA B 315 6.59 -13.93 13.15
C ALA B 315 6.26 -13.69 11.71
N THR B 316 6.03 -12.42 11.40
CA THR B 316 5.88 -11.94 10.03
C THR B 316 6.65 -10.62 9.92
N PRO B 317 6.87 -10.12 8.69
CA PRO B 317 7.58 -8.84 8.58
C PRO B 317 6.88 -7.77 9.41
N ARG B 318 5.56 -7.84 9.50
CA ARG B 318 4.82 -6.84 10.28
C ARG B 318 5.14 -6.87 11.77
N TRP B 319 5.50 -8.05 12.27
CA TRP B 319 5.85 -8.17 13.66
C TRP B 319 7.13 -7.43 14.06
N ILE B 320 8.04 -7.23 13.11
CA ILE B 320 9.38 -6.73 13.46
C ILE B 320 9.34 -5.42 14.25
N ASP B 321 8.52 -4.45 13.82
CA ASP B 321 8.44 -3.19 14.56
C ASP B 321 7.81 -3.33 15.97
N TYR B 322 6.91 -4.29 16.15
CA TYR B 322 6.44 -4.66 17.50
C TYR B 322 7.59 -5.24 18.34
N GLY B 323 8.33 -6.16 17.73
CA GLY B 323 9.52 -6.71 18.33
C GLY B 323 10.53 -5.67 18.79
N LYS B 324 10.78 -4.66 17.96
CA LYS B 324 11.65 -3.54 18.30
C LYS B 324 11.17 -2.86 19.60
N MET B 325 9.87 -2.76 19.78
CA MET B 325 9.33 -2.06 20.92
C MET B 325 9.33 -2.90 22.17
N ALA B 326 9.37 -4.22 21.99
CA ALA B 326 9.23 -5.18 23.12
C ALA B 326 10.51 -5.30 23.97
N VAL B 336 11.06 -13.81 28.72
CA VAL B 336 11.46 -14.20 27.37
C VAL B 336 11.69 -12.99 26.46
N THR B 337 12.95 -12.65 26.33
CA THR B 337 13.42 -11.57 25.48
C THR B 337 14.51 -12.15 24.58
N PHE B 338 14.60 -11.66 23.35
CA PHE B 338 15.74 -12.00 22.48
C PHE B 338 16.09 -10.79 21.60
N SER B 339 17.25 -10.86 20.95
CA SER B 339 17.74 -9.76 20.14
C SER B 339 17.00 -9.60 18.79
N MET B 340 16.72 -8.37 18.40
CA MET B 340 16.05 -8.10 17.12
C MET B 340 17.04 -8.05 15.92
N ASP B 341 18.32 -8.13 16.20
CA ASP B 341 19.31 -7.93 15.16
C ASP B 341 19.10 -8.72 13.88
N PRO B 342 18.98 -10.05 13.98
CA PRO B 342 18.87 -10.83 12.74
C PRO B 342 17.68 -10.40 11.85
N PHE B 343 16.57 -10.06 12.49
CA PHE B 343 15.33 -9.73 11.80
C PHE B 343 15.49 -8.41 11.10
N VAL B 344 16.01 -7.40 11.80
CA VAL B 344 16.18 -6.08 11.19
C VAL B 344 17.21 -6.15 10.07
N ARG B 345 18.31 -6.85 10.36
CA ARG B 345 19.41 -6.98 9.42
C ARG B 345 18.99 -7.67 8.12
N ILE B 346 18.25 -8.77 8.23
CA ILE B 346 17.96 -9.60 7.06
C ILE B 346 16.69 -9.17 6.34
N VAL B 347 15.69 -8.75 7.13
CA VAL B 347 14.35 -8.47 6.64
C VAL B 347 14.12 -6.98 6.42
N GLN B 348 14.82 -6.11 7.14
CA GLN B 348 14.79 -4.64 6.91
C GLN B 348 16.16 -4.03 6.67
N PRO B 349 16.90 -4.53 5.68
CA PRO B 349 18.27 -4.07 5.49
C PRO B 349 18.37 -2.56 5.24
N GLU B 350 17.34 -1.94 4.67
CA GLU B 350 17.36 -0.50 4.38
C GLU B 350 17.12 0.36 5.62
N SER B 351 16.78 -0.29 6.73
CA SER B 351 16.57 0.37 8.01
C SER B 351 17.67 0.01 9.02
N TYR B 352 18.41 -1.04 8.70
CA TYR B 352 19.30 -1.70 9.67
C TYR B 352 20.44 -0.84 10.16
N GLU B 353 21.11 -0.09 9.26
CA GLU B 353 22.33 0.66 9.68
C GLU B 353 21.94 1.78 10.63
N LEU B 354 20.81 2.42 10.38
CA LEU B 354 20.33 3.48 11.27
C LEU B 354 19.76 2.88 12.57
N TRP B 355 19.14 1.71 12.47
CA TRP B 355 18.66 0.99 13.67
C TRP B 355 19.78 0.63 14.67
N LYS B 356 20.94 0.18 14.16
CA LYS B 356 22.10 -0.19 14.99
C LYS B 356 22.57 0.99 15.82
N HIS B 357 22.89 2.08 15.14
CA HIS B 357 23.32 3.31 15.80
C HIS B 357 22.14 3.82 16.61
N HIS C 35 34.64 7.10 4.01
CA HIS C 35 35.87 7.88 4.39
C HIS C 35 36.44 8.69 3.21
N THR C 36 36.47 8.09 2.02
CA THR C 36 37.05 8.76 0.85
C THR C 36 36.05 8.82 -0.32
N ILE C 37 36.03 9.92 -1.07
CA ILE C 37 35.04 10.08 -2.11
C ILE C 37 35.29 9.12 -3.25
N MET C 38 34.30 8.30 -3.57
CA MET C 38 34.40 7.32 -4.63
C MET C 38 34.00 7.89 -6.00
N THR C 39 34.62 7.37 -7.05
CA THR C 39 34.24 7.70 -8.42
C THR C 39 33.80 6.43 -9.14
N PHE C 40 32.61 6.45 -9.73
CA PHE C 40 32.08 5.29 -10.43
C PHE C 40 32.10 5.49 -11.93
N TYR C 41 32.41 4.42 -12.65
CA TYR C 41 32.45 4.44 -14.10
C TYR C 41 31.52 3.39 -14.68
N PRO C 42 30.21 3.59 -14.58
CA PRO C 42 29.26 2.63 -15.12
C PRO C 42 29.32 2.46 -16.62
N THR C 43 29.15 1.21 -17.08
CA THR C 43 28.92 0.92 -18.49
C THR C 43 27.48 1.31 -18.80
N MET C 44 27.14 1.33 -20.08
CA MET C 44 25.80 1.70 -20.51
C MET C 44 24.75 0.78 -19.87
N GLU C 45 25.01 -0.52 -19.91
CA GLU C 45 24.07 -1.49 -19.32
C GLU C 45 23.88 -1.20 -17.83
N GLU C 46 24.98 -0.96 -17.13
CA GLU C 46 24.92 -0.64 -15.70
C GLU C 46 24.20 0.68 -15.48
N PHE C 47 24.28 1.56 -16.47
CA PHE C 47 23.73 2.91 -16.37
C PHE C 47 22.21 2.98 -16.51
N ALA C 48 21.59 1.96 -17.09
CA ALA C 48 20.18 2.05 -17.48
C ALA C 48 19.22 2.38 -16.33
N ASP C 49 19.31 1.66 -15.22
CA ASP C 49 18.39 1.82 -14.10
C ASP C 49 19.03 2.59 -12.95
N PHE C 50 18.53 3.79 -12.71
CA PHE C 50 19.09 4.69 -11.72
C PHE C 50 19.00 4.12 -10.32
N ASN C 51 17.78 3.74 -9.92
CA ASN C 51 17.53 3.21 -8.58
C ASN C 51 18.47 2.05 -8.25
N THR C 52 18.65 1.15 -9.20
CA THR C 52 19.50 -0.02 -9.04
C THR C 52 20.94 0.37 -8.89
N TYR C 53 21.39 1.35 -9.66
CA TYR C 53 22.79 1.75 -9.60
C TYR C 53 23.12 2.47 -8.31
N VAL C 54 22.20 3.28 -7.81
CA VAL C 54 22.43 3.93 -6.53
C VAL C 54 22.54 2.89 -5.41
N ALA C 55 21.69 1.88 -5.42
CA ALA C 55 21.72 0.80 -4.45
C ALA C 55 23.06 0.08 -4.51
N TYR C 56 23.57 -0.11 -5.72
CA TYR C 56 24.90 -0.67 -5.94
C TYR C 56 26.01 0.19 -5.37
N MET C 57 25.97 1.49 -5.64
CA MET C 57 26.94 2.43 -5.10
C MET C 57 27.01 2.35 -3.59
N GLU C 58 25.86 2.23 -2.94
CA GLU C 58 25.79 2.15 -1.50
C GLU C 58 26.30 0.78 -0.98
N SER C 59 26.05 -0.28 -1.73
CA SER C 59 26.61 -1.59 -1.39
C SER C 59 28.13 -1.53 -1.41
N GLN C 60 28.70 -0.61 -2.21
CA GLN C 60 30.14 -0.40 -2.22
C GLN C 60 30.65 0.62 -1.19
N GLY C 61 29.76 1.13 -0.33
CA GLY C 61 30.13 2.12 0.68
C GLY C 61 30.18 3.58 0.22
N ALA C 62 29.63 3.89 -0.94
CA ALA C 62 29.74 5.27 -1.48
C ALA C 62 29.18 6.32 -0.52
N HIS C 63 28.10 5.98 0.16
CA HIS C 63 27.41 6.89 1.05
C HIS C 63 28.21 7.32 2.26
N GLN C 64 29.24 6.56 2.61
CA GLN C 64 30.03 6.82 3.80
C GLN C 64 30.79 8.14 3.71
N ALA C 65 31.29 8.47 2.54
CA ALA C 65 31.98 9.75 2.33
C ALA C 65 31.00 10.96 2.30
N GLY C 66 29.73 10.69 2.00
CA GLY C 66 28.71 11.73 1.91
C GLY C 66 28.46 12.21 0.48
N LEU C 67 29.32 11.81 -0.44
CA LEU C 67 29.34 12.33 -1.79
C LEU C 67 30.05 11.29 -2.66
N ALA C 68 29.54 11.05 -3.86
CA ALA C 68 30.21 10.21 -4.84
C ALA C 68 30.14 10.89 -6.20
N LYS C 69 31.14 10.67 -7.04
CA LYS C 69 31.10 11.11 -8.41
C LYS C 69 30.71 9.93 -9.32
N VAL C 70 29.92 10.21 -10.34
CA VAL C 70 29.60 9.24 -11.36
C VAL C 70 29.94 9.81 -12.73
N ILE C 71 30.82 9.13 -13.44
CA ILE C 71 31.20 9.49 -14.78
C ILE C 71 30.40 8.61 -15.74
N PRO C 72 29.58 9.22 -16.61
CA PRO C 72 28.72 8.43 -17.48
C PRO C 72 29.52 7.72 -18.57
N PRO C 73 28.92 6.70 -19.20
CA PRO C 73 29.58 6.01 -20.29
C PRO C 73 29.84 6.97 -21.45
N LYS C 74 30.85 6.65 -22.26
CA LYS C 74 31.28 7.49 -23.39
C LYS C 74 30.16 7.80 -24.37
N GLU C 75 29.33 6.80 -24.66
CA GLU C 75 28.26 6.95 -25.64
C GLU C 75 27.14 7.89 -25.20
N TRP C 76 27.00 8.08 -23.90
CA TRP C 76 25.86 8.80 -23.33
C TRP C 76 25.96 10.33 -23.45
N LYS C 77 24.83 10.95 -23.71
CA LYS C 77 24.73 12.42 -23.73
C LYS C 77 23.47 12.92 -23.00
N ALA C 78 23.62 14.05 -22.29
CA ALA C 78 22.48 14.74 -21.68
C ALA C 78 21.61 15.36 -22.75
N ARG C 79 22.28 15.96 -23.75
CA ARG C 79 21.63 16.45 -24.95
C ARG C 79 22.63 16.61 -26.09
N GLN C 80 22.10 16.74 -27.30
CA GLN C 80 22.92 16.78 -28.50
C GLN C 80 23.78 18.02 -28.56
N MET C 81 23.15 19.19 -28.39
CA MET C 81 23.84 20.49 -28.52
C MET C 81 23.33 21.53 -27.51
N TYR C 82 24.23 22.34 -26.96
CA TYR C 82 23.84 23.44 -26.07
C TYR C 82 23.92 24.80 -26.76
N ASP C 83 23.49 24.87 -28.02
CA ASP C 83 23.71 26.07 -28.85
C ASP C 83 22.49 26.99 -28.97
N ASP C 84 21.57 26.85 -28.02
CA ASP C 84 20.26 27.47 -28.10
C ASP C 84 19.81 27.94 -26.71
N ILE C 85 20.76 28.37 -25.89
CA ILE C 85 20.49 28.65 -24.49
C ILE C 85 20.82 30.09 -24.08
N GLU C 86 21.21 30.93 -25.04
CA GLU C 86 21.56 32.32 -24.73
C GLU C 86 20.38 33.14 -24.30
N ASP C 87 19.19 32.76 -24.74
CA ASP C 87 17.97 33.49 -24.42
C ASP C 87 17.29 33.00 -23.19
N ILE C 88 17.81 31.97 -22.54
CA ILE C 88 17.17 31.48 -21.32
C ILE C 88 17.18 32.59 -20.28
N LEU C 89 16.04 32.76 -19.60
CA LEU C 89 15.83 33.85 -18.66
C LEU C 89 16.33 33.43 -17.32
N ILE C 90 17.08 34.33 -16.69
CA ILE C 90 17.40 34.23 -15.27
C ILE C 90 16.55 35.34 -14.59
N ALA C 91 15.39 34.94 -14.11
CA ALA C 91 14.43 35.85 -13.51
C ALA C 91 15.04 36.68 -12.37
N THR C 92 15.80 36.03 -11.49
CA THR C 92 16.30 36.65 -10.26
C THR C 92 17.74 36.25 -9.96
N PRO C 93 18.71 36.83 -10.68
CA PRO C 93 20.11 36.59 -10.36
C PRO C 93 20.37 37.07 -8.95
N LEU C 94 21.28 36.40 -8.23
CA LEU C 94 21.53 36.70 -6.84
C LEU C 94 22.95 37.21 -6.67
N GLN C 95 23.12 38.40 -6.13
CA GLN C 95 24.44 38.89 -5.78
C GLN C 95 24.84 38.37 -4.40
N GLN C 96 25.98 37.71 -4.32
CA GLN C 96 26.41 37.03 -3.08
C GLN C 96 27.41 37.91 -2.35
N VAL C 97 26.98 38.49 -1.26
CA VAL C 97 27.86 39.32 -0.43
C VAL C 97 28.30 38.54 0.81
N THR C 98 29.60 38.43 0.99
CA THR C 98 30.18 37.71 2.11
C THR C 98 30.72 38.71 3.13
N SER C 99 30.70 38.33 4.39
CA SER C 99 31.40 39.08 5.42
C SER C 99 31.95 38.14 6.48
N GLY C 100 33.06 38.55 7.07
CA GLY C 100 33.77 37.75 8.05
C GLY C 100 35.26 37.82 7.82
N GLN C 101 35.98 36.94 8.52
CA GLN C 101 37.44 36.89 8.49
C GLN C 101 37.91 35.49 8.86
N GLY C 102 39.14 35.17 8.53
CA GLY C 102 39.79 33.95 9.00
C GLY C 102 39.03 32.67 8.70
N GLY C 103 38.54 32.58 7.46
CA GLY C 103 37.91 31.36 6.98
C GLY C 103 36.52 31.12 7.53
N VAL C 104 35.98 32.09 8.25
CA VAL C 104 34.62 31.98 8.80
C VAL C 104 33.77 33.16 8.31
N PHE C 105 32.82 32.86 7.43
CA PHE C 105 32.06 33.91 6.76
C PHE C 105 30.59 33.62 6.72
N THR C 106 29.82 34.71 6.75
CA THR C 106 28.39 34.70 6.53
C THR C 106 28.14 35.13 5.12
N GLN C 107 27.21 34.47 4.46
CA GLN C 107 26.91 34.82 3.07
C GLN C 107 25.48 35.33 2.94
N TYR C 108 25.32 36.45 2.25
CA TYR C 108 24.03 37.08 2.07
C TYR C 108 23.73 37.24 0.58
N HIS C 109 22.46 37.14 0.20
CA HIS C 109 22.04 37.15 -1.20
C HIS C 109 21.15 38.33 -1.53
N LYS C 110 21.57 39.15 -2.47
CA LYS C 110 20.75 40.27 -2.91
C LYS C 110 20.14 40.01 -4.28
N LYS C 111 18.83 40.10 -4.37
CA LYS C 111 18.14 39.83 -5.62
C LYS C 111 18.41 40.95 -6.61
N LYS C 112 18.83 40.61 -7.81
CA LYS C 112 19.05 41.58 -8.88
C LYS C 112 18.01 41.43 -9.96
N LYS C 113 17.99 42.38 -10.88
CA LYS C 113 17.04 42.39 -11.97
C LYS C 113 17.33 41.29 -12.99
N ALA C 114 16.27 40.88 -13.67
CA ALA C 114 16.34 39.80 -14.65
C ALA C 114 17.40 40.03 -15.73
N MET C 115 17.85 38.93 -16.29
CA MET C 115 18.95 38.91 -17.22
C MET C 115 18.80 37.69 -18.12
N ARG C 116 19.40 37.68 -19.31
CA ARG C 116 19.43 36.45 -20.10
C ARG C 116 20.77 35.77 -19.95
N VAL C 117 20.81 34.47 -20.21
CA VAL C 117 22.02 33.68 -20.05
C VAL C 117 23.19 34.29 -20.85
N GLY C 118 22.89 34.77 -22.05
CA GLY C 118 23.90 35.44 -22.86
C GLY C 118 24.55 36.64 -22.17
N GLN C 119 23.73 37.53 -21.60
CA GLN C 119 24.21 38.65 -20.77
C GLN C 119 25.05 38.10 -19.61
N TYR C 120 24.53 37.08 -18.93
CA TYR C 120 25.19 36.55 -17.76
C TYR C 120 26.59 35.99 -18.12
N ARG C 121 26.64 35.20 -19.18
CA ARG C 121 27.91 34.68 -19.68
C ARG C 121 28.91 35.81 -19.94
N ARG C 122 28.45 36.86 -20.62
CA ARG C 122 29.32 37.99 -20.89
C ARG C 122 29.79 38.62 -19.59
N LEU C 123 28.89 38.76 -18.62
CA LEU C 123 29.25 39.32 -17.31
C LEU C 123 30.28 38.43 -16.62
N ALA C 124 30.02 37.12 -16.62
CA ALA C 124 30.94 36.15 -16.00
C ALA C 124 32.35 36.24 -16.55
N ASN C 125 32.45 36.49 -17.85
CA ASN C 125 33.75 36.53 -18.53
C ASN C 125 34.38 37.90 -18.56
N SER C 126 33.68 38.93 -18.08
CA SER C 126 34.21 40.30 -18.05
C SER C 126 35.34 40.42 -17.04
N LYS C 127 36.07 41.53 -17.14
CA LYS C 127 37.26 41.73 -16.33
C LYS C 127 36.94 41.73 -14.84
N LYS C 128 35.86 42.38 -14.47
CA LYS C 128 35.49 42.46 -13.08
C LYS C 128 35.18 41.11 -12.45
N TYR C 129 34.61 40.18 -13.21
CA TYR C 129 34.11 38.93 -12.65
C TYR C 129 34.89 37.66 -13.01
N GLN C 130 35.79 37.73 -13.98
CA GLN C 130 36.43 36.53 -14.51
C GLN C 130 37.31 35.84 -13.50
N THR C 131 37.56 34.56 -13.76
CA THR C 131 38.47 33.75 -12.95
C THR C 131 39.84 34.40 -12.99
N PRO C 132 40.48 34.55 -11.82
CA PRO C 132 41.83 35.06 -11.86
C PRO C 132 42.77 34.03 -12.46
N PRO C 133 43.98 34.46 -12.85
CA PRO C 133 44.96 33.51 -13.35
C PRO C 133 45.42 32.58 -12.22
N HIS C 134 45.69 31.33 -12.55
CA HIS C 134 46.04 30.34 -11.54
C HIS C 134 46.88 29.22 -12.12
N GLN C 135 47.84 28.73 -11.36
CA GLN C 135 48.74 27.69 -11.82
C GLN C 135 48.06 26.31 -11.83
N ASN C 136 47.11 26.12 -10.94
CA ASN C 136 46.45 24.82 -10.77
C ASN C 136 45.26 24.95 -9.80
N PHE C 137 44.60 23.83 -9.48
CA PHE C 137 43.46 23.85 -8.56
CA PHE C 137 43.46 23.86 -8.56
C PHE C 137 43.85 24.38 -7.17
N ALA C 138 44.93 23.83 -6.59
CA ALA C 138 45.40 24.29 -5.27
C ALA C 138 45.55 25.82 -5.25
N ASP C 139 46.20 26.35 -6.29
CA ASP C 139 46.39 27.76 -6.42
C ASP C 139 45.02 28.43 -6.41
N LEU C 140 44.11 27.94 -7.26
CA LEU C 140 42.80 28.56 -7.40
C LEU C 140 42.00 28.49 -6.09
N GLU C 141 42.07 27.33 -5.45
CA GLU C 141 41.37 27.11 -4.20
C GLU C 141 41.85 28.07 -3.11
N GLN C 142 43.17 28.27 -3.06
CA GLN C 142 43.73 29.22 -2.12
C GLN C 142 43.25 30.64 -2.46
N ARG C 143 43.24 30.99 -3.75
CA ARG C 143 42.73 32.29 -4.19
C ARG C 143 41.26 32.47 -3.84
N TYR C 144 40.48 31.40 -3.96
CA TYR C 144 39.06 31.46 -3.60
C TYR C 144 38.90 31.82 -2.13
N TRP C 145 39.55 31.06 -1.26
CA TRP C 145 39.44 31.28 0.18
C TRP C 145 40.08 32.60 0.62
N LYS C 146 41.12 33.03 -0.08
CA LYS C 146 41.75 34.31 0.23
C LYS C 146 40.97 35.48 -0.33
N SER C 147 40.03 35.22 -1.24
CA SER C 147 39.27 36.30 -1.90
C SER C 147 38.09 36.85 -1.09
N HIS C 148 37.73 36.18 0.00
CA HIS C 148 36.61 36.63 0.81
C HIS C 148 37.08 37.67 1.83
N PRO C 149 36.29 38.74 2.04
CA PRO C 149 35.04 39.15 1.39
C PRO C 149 35.11 39.52 -0.12
N GLY C 150 35.93 40.50 -0.47
CA GLY C 150 36.13 40.87 -1.88
C GLY C 150 34.91 41.18 -2.72
N ASN C 151 35.08 41.19 -4.03
CA ASN C 151 34.04 41.55 -4.99
C ASN C 151 32.91 40.54 -5.05
N PRO C 152 31.65 40.97 -4.84
CA PRO C 152 30.58 39.98 -4.75
C PRO C 152 30.17 39.45 -6.12
N PRO C 153 30.23 38.14 -6.33
CA PRO C 153 29.87 37.63 -7.64
C PRO C 153 28.36 37.58 -7.77
N ILE C 154 27.87 37.30 -8.99
CA ILE C 154 26.43 37.13 -9.24
C ILE C 154 26.13 35.70 -9.64
N TYR C 155 25.16 35.07 -8.98
CA TYR C 155 24.88 33.64 -9.19
C TYR C 155 23.51 33.51 -9.80
N GLY C 156 23.46 32.85 -10.95
CA GLY C 156 22.18 32.53 -11.60
C GLY C 156 21.65 31.22 -11.04
N ALA C 157 21.29 31.23 -9.75
CA ALA C 157 20.90 30.03 -9.04
C ALA C 157 19.38 29.82 -9.09
N ASP C 158 18.94 28.60 -8.81
CA ASP C 158 17.54 28.31 -8.55
C ASP C 158 16.61 28.64 -9.68
N ILE C 159 17.04 28.34 -10.90
CA ILE C 159 16.21 28.51 -12.06
C ILE C 159 15.43 27.25 -12.35
N SER C 160 14.12 27.33 -12.31
CA SER C 160 13.29 26.15 -12.54
C SER C 160 13.45 25.76 -14.02
N GLY C 161 13.91 24.56 -14.29
CA GLY C 161 14.12 24.12 -15.66
C GLY C 161 15.10 22.96 -15.74
N SER C 162 15.23 22.41 -16.93
CA SER C 162 16.13 21.33 -17.24
C SER C 162 16.71 21.50 -18.63
N LEU C 163 17.96 21.09 -18.82
CA LEU C 163 18.58 21.10 -20.15
C LEU C 163 18.71 19.67 -20.71
N PHE C 164 18.17 18.68 -20.00
CA PHE C 164 18.10 17.33 -20.54
C PHE C 164 17.01 17.24 -21.60
N GLU C 165 17.27 16.49 -22.66
CA GLU C 165 16.25 16.23 -23.67
C GLU C 165 15.49 14.97 -23.28
N GLU C 166 14.24 14.89 -23.73
CA GLU C 166 13.41 13.69 -23.52
C GLU C 166 14.03 12.45 -24.14
N SER C 167 14.76 12.64 -25.23
CA SER C 167 15.50 11.55 -25.86
C SER C 167 16.50 10.86 -24.92
N THR C 168 17.03 11.58 -23.92
CA THR C 168 17.95 10.99 -22.93
C THR C 168 17.15 10.15 -21.96
N LYS C 169 17.37 8.84 -22.04
CA LYS C 169 16.59 7.88 -21.28
C LYS C 169 17.32 7.28 -20.05
N GLN C 170 18.61 7.55 -19.87
CA GLN C 170 19.38 7.15 -18.66
C GLN C 170 19.63 8.51 -18.02
N TRP C 171 19.27 8.69 -16.74
CA TRP C 171 20.03 9.46 -15.72
C TRP C 171 19.58 10.88 -16.16
N ASN C 172 18.34 10.95 -16.64
CA ASN C 172 17.67 12.21 -16.96
C ASN C 172 17.12 12.77 -15.68
N LEU C 173 17.68 13.88 -15.21
CA LEU C 173 17.32 14.43 -13.88
C LEU C 173 15.80 14.76 -13.71
N GLY C 174 15.09 14.89 -14.81
CA GLY C 174 13.63 15.05 -14.77
C GLY C 174 12.83 13.77 -14.57
N HIS C 175 13.49 12.62 -14.67
CA HIS C 175 12.81 11.33 -14.70
C HIS C 175 13.65 10.21 -14.09
N LEU C 176 14.15 10.44 -12.88
CA LEU C 176 14.97 9.46 -12.17
C LEU C 176 14.14 8.29 -11.70
N GLY C 177 12.86 8.49 -11.44
CA GLY C 177 11.97 7.42 -11.10
C GLY C 177 12.17 6.80 -9.74
N THR C 178 12.67 7.58 -8.78
CA THR C 178 12.80 7.10 -7.42
C THR C 178 11.49 7.28 -6.68
N ILE C 179 11.46 6.79 -5.45
CA ILE C 179 10.26 6.89 -4.61
C ILE C 179 9.92 8.32 -4.21
N LEU C 180 10.82 9.28 -4.43
CA LEU C 180 10.44 10.68 -4.25
C LEU C 180 9.23 11.03 -5.12
N ASP C 181 9.06 10.36 -6.26
CA ASP C 181 7.89 10.63 -7.14
C ASP C 181 6.57 10.45 -6.40
N LEU C 182 6.56 9.65 -5.35
CA LEU C 182 5.33 9.45 -4.56
C LEU C 182 4.80 10.73 -3.92
N LEU C 183 5.65 11.73 -3.71
CA LEU C 183 5.21 12.99 -3.14
C LEU C 183 4.16 13.64 -4.05
N GLU C 184 4.54 13.83 -5.32
CA GLU C 184 3.65 14.41 -6.29
C GLU C 184 2.48 13.45 -6.56
N GLN C 185 2.83 12.19 -6.83
CA GLN C 185 1.88 11.22 -7.32
C GLN C 185 0.73 10.98 -6.31
N GLU C 186 1.07 10.91 -5.03
CA GLU C 186 0.09 10.60 -3.97
C GLU C 186 -0.48 11.81 -3.26
N CYS C 187 0.32 12.85 -3.08
CA CYS C 187 -0.13 14.03 -2.34
C CYS C 187 -0.32 15.26 -3.19
N GLY C 188 0.09 15.19 -4.46
CA GLY C 188 -0.05 16.31 -5.35
C GLY C 188 0.94 17.42 -5.04
N VAL C 189 1.94 17.15 -4.20
CA VAL C 189 2.82 18.23 -3.74
C VAL C 189 4.01 18.45 -4.70
N VAL C 190 4.16 19.68 -5.15
CA VAL C 190 5.24 20.06 -6.05
C VAL C 190 6.10 21.07 -5.32
N ILE C 191 7.38 20.77 -5.16
CA ILE C 191 8.32 21.75 -4.60
C ILE C 191 9.47 21.97 -5.56
N GLU C 192 9.52 23.15 -6.19
CA GLU C 192 10.47 23.39 -7.24
C GLU C 192 11.85 23.27 -6.70
N GLY C 193 12.71 22.56 -7.42
CA GLY C 193 14.09 22.39 -7.01
C GLY C 193 14.29 21.16 -6.14
N VAL C 194 13.21 20.61 -5.57
CA VAL C 194 13.30 19.43 -4.74
C VAL C 194 12.79 18.23 -5.53
N ASN C 195 11.53 18.25 -5.96
CA ASN C 195 11.02 17.23 -6.90
C ASN C 195 10.81 17.77 -8.30
N THR C 196 11.35 18.93 -8.58
CA THR C 196 11.52 19.42 -9.95
C THR C 196 12.93 20.00 -10.06
N PRO C 197 13.53 19.97 -11.24
CA PRO C 197 14.94 20.34 -11.32
C PRO C 197 15.20 21.85 -11.34
N TYR C 198 16.35 22.21 -10.81
CA TYR C 198 16.85 23.56 -10.86
C TYR C 198 18.08 23.58 -11.75
N LEU C 199 18.24 24.68 -12.47
CA LEU C 199 19.47 25.01 -13.16
C LEU C 199 20.23 26.06 -12.36
N TYR C 200 21.56 25.98 -12.40
CA TYR C 200 22.48 26.94 -11.78
C TYR C 200 23.50 27.42 -12.81
N PHE C 201 23.38 28.66 -13.25
CA PHE C 201 24.43 29.30 -14.05
C PHE C 201 25.37 30.03 -13.11
N GLY C 202 26.63 29.63 -13.10
CA GLY C 202 27.62 30.15 -12.16
C GLY C 202 28.69 31.02 -12.81
N MET C 203 29.46 31.67 -11.95
CA MET C 203 30.65 32.40 -12.39
C MET C 203 31.68 32.24 -11.28
N TRP C 204 32.89 32.74 -11.54
CA TRP C 204 33.98 32.61 -10.57
C TRP C 204 33.50 33.04 -9.20
N LYS C 205 33.81 32.23 -8.18
CA LYS C 205 33.61 32.63 -6.78
C LYS C 205 32.17 32.49 -6.30
N THR C 206 31.22 32.16 -7.19
CA THR C 206 29.86 31.86 -6.75
C THR C 206 29.89 30.59 -5.89
N THR C 207 29.12 30.60 -4.79
CA THR C 207 29.24 29.56 -3.82
C THR C 207 27.90 28.99 -3.31
N PHE C 208 27.96 27.74 -2.87
CA PHE C 208 26.91 27.15 -2.07
C PHE C 208 27.51 26.90 -0.68
N ALA C 209 26.96 27.57 0.33
CA ALA C 209 27.44 27.46 1.70
C ALA C 209 27.05 26.12 2.28
N TRP C 210 27.61 25.79 3.45
CA TRP C 210 27.36 24.50 4.09
C TRP C 210 25.87 24.26 4.29
N HIS C 211 25.40 23.06 3.93
CA HIS C 211 24.01 22.69 4.10
C HIS C 211 23.84 21.18 3.94
N THR C 212 22.68 20.68 4.36
CA THR C 212 22.19 19.37 3.90
C THR C 212 20.91 19.64 3.13
N GLU C 213 20.39 18.64 2.44
CA GLU C 213 19.19 18.79 1.64
C GLU C 213 17.88 18.80 2.46
N ASP C 214 16.84 19.37 1.89
CA ASP C 214 15.54 19.34 2.55
C ASP C 214 15.14 17.88 2.85
N MET C 215 14.59 17.65 4.05
CA MET C 215 14.11 16.36 4.50
C MET C 215 15.21 15.29 4.48
N ASP C 216 16.47 15.73 4.58
CA ASP C 216 17.64 14.89 4.48
C ASP C 216 17.61 13.97 3.27
N LEU C 217 17.07 14.46 2.18
CA LEU C 217 17.03 13.73 0.93
C LEU C 217 18.43 13.60 0.32
N TYR C 218 18.53 12.72 -0.66
CA TYR C 218 19.70 12.69 -1.55
C TYR C 218 19.58 13.84 -2.55
N SER C 219 20.69 14.24 -3.17
CA SER C 219 20.65 15.09 -4.37
C SER C 219 21.56 14.53 -5.43
N ILE C 220 21.30 14.91 -6.67
CA ILE C 220 22.17 14.61 -7.80
C ILE C 220 22.37 15.89 -8.61
N ASN C 221 23.62 16.15 -9.00
CA ASN C 221 24.01 17.40 -9.66
CA ASN C 221 24.00 17.38 -9.64
C ASN C 221 24.82 17.06 -10.90
N TYR C 222 24.39 17.55 -12.06
CA TYR C 222 25.08 17.28 -13.31
C TYR C 222 25.62 18.60 -13.84
N LEU C 223 26.89 18.64 -14.19
CA LEU C 223 27.49 19.86 -14.74
C LEU C 223 27.43 19.75 -16.26
N HIS C 224 26.46 20.42 -16.85
CA HIS C 224 26.23 20.37 -18.31
C HIS C 224 27.41 20.88 -19.14
N PHE C 225 27.95 22.04 -18.76
CA PHE C 225 29.09 22.62 -19.45
C PHE C 225 29.78 23.72 -18.62
N GLY C 226 30.94 24.15 -19.11
CA GLY C 226 31.69 25.26 -18.54
C GLY C 226 32.77 24.84 -17.58
N GLU C 227 33.15 25.76 -16.68
CA GLU C 227 34.27 25.55 -15.76
C GLU C 227 33.88 24.69 -14.56
N PRO C 228 34.89 24.12 -13.86
CA PRO C 228 34.55 23.14 -12.82
C PRO C 228 33.81 23.73 -11.62
N LYS C 229 33.32 22.82 -10.80
CA LYS C 229 32.64 23.15 -9.54
C LYS C 229 33.31 22.30 -8.49
N THR C 230 33.82 22.95 -7.45
CA THR C 230 34.54 22.25 -6.40
C THR C 230 33.61 22.01 -5.22
N TRP C 231 33.65 20.79 -4.69
CA TRP C 231 32.77 20.35 -3.61
C TRP C 231 33.58 19.97 -2.37
N TYR C 232 33.08 20.37 -1.21
CA TYR C 232 33.60 19.92 0.08
C TYR C 232 32.48 19.16 0.75
N VAL C 233 32.78 18.02 1.35
CA VAL C 233 31.75 17.26 2.05
C VAL C 233 32.30 16.75 3.38
N VAL C 234 31.47 16.78 4.41
CA VAL C 234 31.79 16.17 5.70
C VAL C 234 31.03 14.84 5.81
N PRO C 235 31.75 13.74 6.08
CA PRO C 235 31.14 12.42 6.17
C PRO C 235 29.96 12.40 7.16
N PRO C 236 28.89 11.68 6.82
CA PRO C 236 27.71 11.69 7.68
C PRO C 236 27.98 11.38 9.14
N GLU C 237 28.91 10.45 9.39
CA GLU C 237 29.33 10.11 10.73
C GLU C 237 29.80 11.33 11.51
N HIS C 238 30.30 12.36 10.83
CA HIS C 238 30.89 13.51 11.51
C HIS C 238 30.05 14.78 11.39
N GLY C 239 28.82 14.63 10.92
CA GLY C 239 27.94 15.78 10.75
C GLY C 239 27.71 16.55 12.04
N GLN C 240 27.49 15.81 13.13
CA GLN C 240 27.18 16.44 14.41
C GLN C 240 28.34 17.28 14.91
N HIS C 241 29.56 16.82 14.66
CA HIS C 241 30.76 17.59 14.99
C HIS C 241 30.78 18.91 14.20
N LEU C 242 30.44 18.86 12.91
CA LEU C 242 30.40 20.09 12.10
C LEU C 242 29.37 21.08 12.68
N GLU C 243 28.22 20.55 13.06
CA GLU C 243 27.14 21.33 13.66
C GLU C 243 27.57 22.02 14.95
N ARG C 244 28.33 21.32 15.78
CA ARG C 244 28.83 21.92 17.02
C ARG C 244 29.80 23.05 16.70
N LEU C 245 30.78 22.77 15.86
CA LEU C 245 31.75 23.77 15.44
C LEU C 245 31.04 24.99 14.90
N ALA C 246 29.99 24.77 14.12
CA ALA C 246 29.25 25.86 13.51
C ALA C 246 28.54 26.75 14.53
N ARG C 247 27.93 26.11 15.54
CA ARG C 247 27.27 26.85 16.62
C ARG C 247 28.29 27.74 17.34
N GLU C 248 29.47 27.20 17.61
CA GLU C 248 30.56 27.97 18.23
C GLU C 248 30.97 29.17 17.33
N LEU C 249 31.15 28.90 16.04
CA LEU C 249 31.68 29.90 15.13
C LEU C 249 30.65 30.98 14.78
N PHE C 250 29.36 30.65 14.83
CA PHE C 250 28.31 31.61 14.49
C PHE C 250 27.30 31.74 15.62
N PRO C 251 27.69 32.38 16.73
CA PRO C 251 26.85 32.42 17.93
C PRO C 251 25.49 33.10 17.69
N ASP C 252 25.53 34.29 17.08
CA ASP C 252 24.33 35.08 16.82
C ASP C 252 23.31 34.33 15.99
N ILE C 253 23.74 33.82 14.84
CA ILE C 253 22.85 33.08 13.95
C ILE C 253 22.35 31.78 14.62
N SER C 254 23.26 31.07 15.29
CA SER C 254 22.91 29.80 15.95
C SER C 254 22.05 29.97 17.21
N ARG C 255 22.19 31.13 17.87
CA ARG C 255 21.31 31.48 18.99
C ARG C 255 19.90 31.70 18.46
N GLY C 256 19.81 32.31 17.28
CA GLY C 256 18.54 32.54 16.60
C GLY C 256 18.08 31.41 15.70
N CYS C 257 18.85 30.32 15.65
CA CYS C 257 18.50 29.14 14.82
C CYS C 257 19.36 27.90 15.13
N GLU C 258 18.70 26.82 15.55
CA GLU C 258 19.40 25.57 15.91
C GLU C 258 20.07 24.91 14.69
N ALA C 259 19.26 24.60 13.67
CA ALA C 259 19.74 23.93 12.45
C ALA C 259 19.95 24.95 11.34
N PHE C 260 20.79 25.95 11.61
CA PHE C 260 20.97 27.09 10.69
C PHE C 260 21.81 26.78 9.46
N LEU C 261 22.13 25.51 9.24
CA LEU C 261 22.98 25.12 8.11
C LEU C 261 22.15 24.86 6.87
N ARG C 262 21.11 24.02 6.98
CA ARG C 262 20.17 23.86 5.87
C ARG C 262 19.74 25.23 5.31
N HIS C 263 19.83 26.28 6.13
CA HIS C 263 19.65 27.65 5.67
C HIS C 263 20.67 28.11 4.61
N LYS C 264 21.81 27.44 4.49
CA LYS C 264 22.80 27.72 3.43
C LYS C 264 23.46 29.12 3.52
N VAL C 265 23.86 29.51 4.72
CA VAL C 265 24.44 30.84 5.01
C VAL C 265 25.86 30.86 5.60
N ALA C 266 26.33 29.72 6.13
CA ALA C 266 27.66 29.66 6.76
C ALA C 266 28.72 29.11 5.81
N LEU C 267 29.81 29.86 5.67
CA LEU C 267 31.01 29.37 5.01
C LEU C 267 32.11 29.12 6.02
N ILE C 268 32.70 27.94 5.97
CA ILE C 268 33.81 27.58 6.85
C ILE C 268 34.88 26.99 5.96
N SER C 269 36.09 27.53 6.03
CA SER C 269 37.18 27.11 5.16
C SER C 269 37.74 25.73 5.58
N PRO C 270 38.44 25.06 4.64
CA PRO C 270 39.07 23.77 4.92
C PRO C 270 40.08 23.86 6.05
N THR C 271 40.80 24.99 6.12
CA THR C 271 41.79 25.18 7.17
C THR C 271 41.13 25.17 8.53
N VAL C 272 40.02 25.90 8.65
CA VAL C 272 39.28 25.95 9.91
C VAL C 272 38.71 24.59 10.29
N LEU C 273 38.27 23.82 9.30
CA LEU C 273 37.84 22.45 9.54
C LEU C 273 38.97 21.58 10.06
N LYS C 274 40.13 21.64 9.40
CA LYS C 274 41.31 20.88 9.81
C LYS C 274 41.77 21.30 11.20
N GLU C 275 41.83 22.61 11.43
CA GLU C 275 42.21 23.15 12.75
C GLU C 275 41.32 22.64 13.88
N ASN C 276 40.05 22.35 13.59
CA ASN C 276 39.12 21.87 14.60
C ASN C 276 38.84 20.37 14.47
N GLY C 277 39.65 19.70 13.66
CA GLY C 277 39.61 18.24 13.59
C GLY C 277 38.29 17.72 13.09
N ILE C 278 37.77 18.36 12.05
CA ILE C 278 36.58 17.85 11.38
C ILE C 278 37.04 17.21 10.09
N PRO C 279 36.76 15.91 9.91
CA PRO C 279 37.18 15.29 8.66
C PRO C 279 36.30 15.77 7.52
N PHE C 280 36.92 16.02 6.36
CA PHE C 280 36.18 16.37 5.17
C PHE C 280 36.91 15.84 3.96
N ASN C 281 36.23 15.81 2.83
CA ASN C 281 36.85 15.50 1.56
C ASN C 281 36.54 16.61 0.58
N CYS C 282 37.41 16.75 -0.39
CA CYS C 282 37.31 17.74 -1.43
C CYS C 282 37.42 17.07 -2.80
N MET C 283 36.49 17.38 -3.69
CA MET C 283 36.44 16.76 -5.02
C MET C 283 35.96 17.83 -5.98
N THR C 284 36.65 17.97 -7.11
CA THR C 284 36.27 18.89 -8.15
C THR C 284 35.50 18.13 -9.22
N GLN C 285 34.35 18.68 -9.58
CA GLN C 285 33.48 18.12 -10.61
C GLN C 285 33.70 18.93 -11.89
N GLU C 286 33.88 18.24 -13.02
CA GLU C 286 34.09 18.88 -14.34
C GLU C 286 32.92 18.59 -15.24
N ALA C 287 32.84 19.30 -16.34
CA ALA C 287 31.69 19.18 -17.22
C ALA C 287 31.50 17.72 -17.63
N GLY C 288 30.25 17.29 -17.66
CA GLY C 288 29.91 15.95 -18.08
C GLY C 288 29.92 14.94 -16.96
N GLU C 289 30.09 15.39 -15.72
CA GLU C 289 30.16 14.48 -14.55
C GLU C 289 29.00 14.71 -13.58
N PHE C 290 28.50 13.64 -12.97
CA PHE C 290 27.47 13.72 -11.94
C PHE C 290 28.10 13.71 -10.56
N MET C 291 27.48 14.43 -9.62
CA MET C 291 27.81 14.34 -8.19
C MET C 291 26.53 13.96 -7.43
N VAL C 292 26.63 12.94 -6.60
CA VAL C 292 25.51 12.45 -5.81
C VAL C 292 25.82 12.70 -4.35
N THR C 293 24.90 13.36 -3.66
CA THR C 293 25.02 13.57 -2.21
C THR C 293 24.07 12.65 -1.46
N PHE C 294 24.48 12.25 -0.27
CA PHE C 294 23.72 11.27 0.50
C PHE C 294 23.15 11.85 1.79
N PRO C 295 22.16 11.14 2.38
CA PRO C 295 21.55 11.74 3.58
C PRO C 295 22.55 12.00 4.68
N TYR C 296 22.32 13.06 5.44
CA TYR C 296 23.23 13.57 6.49
C TYR C 296 24.62 13.93 5.99
N GLY C 297 24.77 14.11 4.68
CA GLY C 297 26.07 14.58 4.15
C GLY C 297 26.07 16.08 3.98
N TYR C 298 26.70 16.82 4.91
CA TYR C 298 26.86 18.28 4.72
C TYR C 298 27.78 18.54 3.56
N HIS C 299 27.40 19.50 2.69
CA HIS C 299 28.32 19.92 1.62
C HIS C 299 28.30 21.42 1.33
N ALA C 300 29.41 21.88 0.78
CA ALA C 300 29.58 23.28 0.37
C ALA C 300 30.55 23.31 -0.82
N GLY C 301 30.67 24.44 -1.49
CA GLY C 301 31.58 24.52 -2.63
C GLY C 301 31.49 25.80 -3.44
N PHE C 302 32.18 25.81 -4.57
CA PHE C 302 32.23 27.01 -5.40
C PHE C 302 32.49 26.73 -6.87
N ASN C 303 32.13 27.68 -7.71
CA ASN C 303 32.35 27.56 -9.14
C ASN C 303 33.62 28.24 -9.57
N HIS C 304 34.31 27.64 -10.54
CA HIS C 304 35.61 28.12 -10.98
C HIS C 304 35.46 29.27 -11.97
N GLY C 305 34.31 29.36 -12.61
CA GLY C 305 34.10 30.27 -13.72
C GLY C 305 32.73 30.00 -14.28
N PHE C 306 32.45 30.52 -15.46
CA PHE C 306 31.12 30.39 -16.09
C PHE C 306 30.83 28.94 -16.34
N ASN C 307 29.70 28.48 -15.82
CA ASN C 307 29.26 27.11 -15.98
C ASN C 307 27.76 26.98 -15.78
N CYS C 308 27.26 25.77 -16.06
CA CYS C 308 25.84 25.46 -15.99
C CYS C 308 25.64 24.06 -15.38
N ALA C 309 24.98 24.02 -14.23
CA ALA C 309 24.72 22.79 -13.52
C ALA C 309 23.22 22.62 -13.40
N GLU C 310 22.80 21.37 -13.28
CA GLU C 310 21.40 21.04 -13.04
C GLU C 310 21.33 20.08 -11.89
N ALA C 311 20.36 20.30 -10.99
CA ALA C 311 20.22 19.44 -9.80
C ALA C 311 18.76 19.22 -9.40
N ILE C 312 18.52 18.10 -8.74
CA ILE C 312 17.23 17.73 -8.19
C ILE C 312 17.47 16.82 -7.00
N ASN C 313 16.53 16.75 -6.07
CA ASN C 313 16.65 15.75 -5.02
C ASN C 313 16.04 14.43 -5.49
N PHE C 314 16.36 13.38 -4.75
CA PHE C 314 15.75 12.08 -4.98
C PHE C 314 15.79 11.30 -3.69
N ALA C 315 15.06 10.18 -3.65
CA ALA C 315 14.94 9.38 -2.44
C ALA C 315 15.22 7.90 -2.76
N THR C 316 15.48 7.12 -1.72
CA THR C 316 15.58 5.66 -1.79
C THR C 316 14.85 5.07 -0.58
N PRO C 317 14.56 3.77 -0.61
CA PRO C 317 13.98 3.16 0.60
C PRO C 317 14.77 3.41 1.86
N ARG C 318 16.09 3.51 1.72
CA ARG C 318 16.95 3.82 2.87
C ARG C 318 16.73 5.22 3.43
N TRP C 319 16.32 6.16 2.60
CA TRP C 319 16.10 7.51 3.06
C TRP C 319 14.92 7.58 4.04
N ILE C 320 13.93 6.72 3.87
CA ILE C 320 12.65 6.88 4.59
C ILE C 320 12.82 7.11 6.10
N ASP C 321 13.69 6.35 6.74
CA ASP C 321 13.89 6.51 8.19
C ASP C 321 14.65 7.77 8.60
N TYR C 322 15.41 8.34 7.67
CA TYR C 322 15.90 9.73 7.80
C TYR C 322 14.77 10.72 7.68
N GLY C 323 13.94 10.56 6.67
CA GLY C 323 12.74 11.38 6.48
C GLY C 323 11.86 11.41 7.73
N LYS C 324 11.65 10.24 8.35
CA LYS C 324 10.87 10.17 9.58
C LYS C 324 11.45 11.04 10.70
N MET C 325 12.76 11.14 10.75
CA MET C 325 13.39 11.98 11.75
C MET C 325 13.40 13.45 11.44
N ALA C 326 13.29 13.82 10.15
CA ALA C 326 13.43 15.21 9.70
C ALA C 326 12.20 16.05 10.04
N VAL C 336 11.47 23.74 3.96
CA VAL C 336 10.88 22.70 3.10
C VAL C 336 10.65 21.42 3.89
N THR C 337 9.41 21.21 4.28
CA THR C 337 8.97 20.03 4.97
C THR C 337 7.83 19.41 4.19
N PHE C 338 7.71 18.09 4.21
CA PHE C 338 6.52 17.42 3.68
C PHE C 338 6.18 16.17 4.47
N SER C 339 5.02 15.59 4.22
CA SER C 339 4.52 14.47 4.97
C SER C 339 5.21 13.17 4.58
N MET C 340 5.51 12.33 5.55
CA MET C 340 6.10 11.03 5.25
C MET C 340 5.08 9.96 4.91
N ASP C 341 3.79 10.27 5.04
CA ASP C 341 2.75 9.28 4.91
C ASP C 341 2.85 8.40 3.67
N PRO C 342 2.93 9.00 2.48
CA PRO C 342 2.88 8.14 1.28
C PRO C 342 4.04 7.16 1.20
N PHE C 343 5.21 7.60 1.66
CA PHE C 343 6.40 6.78 1.62
C PHE C 343 6.25 5.62 2.58
N VAL C 344 5.88 5.89 3.82
CA VAL C 344 5.73 4.82 4.82
C VAL C 344 4.62 3.85 4.40
N ARG C 345 3.49 4.40 3.99
CA ARG C 345 2.33 3.63 3.58
C ARG C 345 2.63 2.69 2.42
N ILE C 346 3.31 3.18 1.40
CA ILE C 346 3.52 2.40 0.18
C ILE C 346 4.77 1.54 0.18
N VAL C 347 5.84 2.07 0.78
CA VAL C 347 7.16 1.44 0.75
C VAL C 347 7.45 0.60 2.01
N GLN C 348 6.86 1.00 3.15
CA GLN C 348 6.96 0.26 4.41
C GLN C 348 5.59 -0.12 4.97
N PRO C 349 4.75 -0.75 4.14
CA PRO C 349 3.41 -1.13 4.63
C PRO C 349 3.41 -1.96 5.91
N GLU C 350 4.46 -2.74 6.11
CA GLU C 350 4.48 -3.60 7.32
C GLU C 350 4.84 -2.84 8.59
N SER C 351 5.16 -1.57 8.42
CA SER C 351 5.53 -0.70 9.52
C SER C 351 4.51 0.42 9.71
N TYR C 352 3.57 0.52 8.80
CA TYR C 352 2.77 1.73 8.63
C TYR C 352 1.72 2.00 9.71
N GLU C 353 0.91 0.99 10.03
CA GLU C 353 -0.07 1.10 11.10
C GLU C 353 0.55 1.49 12.43
N LEU C 354 1.60 0.79 12.87
CA LEU C 354 2.35 1.24 14.07
C LEU C 354 2.96 2.63 13.89
N TRP C 355 3.51 2.92 12.72
CA TRP C 355 4.06 4.24 12.49
C TRP C 355 3.02 5.35 12.68
N LYS C 356 1.87 5.28 12.00
CA LYS C 356 0.70 6.09 12.43
C LYS C 356 0.41 5.70 13.88
N HIS C 357 0.29 6.64 14.81
CA HIS C 357 0.26 6.30 16.24
C HIS C 357 1.67 5.98 16.74
#